data_4WQ5
#
_entry.id   4WQ5
#
_cell.length_a   63.690
_cell.length_b   68.080
_cell.length_c   87.340
_cell.angle_alpha   109.31
_cell.angle_beta   92.56
_cell.angle_gamma   117.94
#
_symmetry.space_group_name_H-M   'P 1'
#
loop_
_entity.id
_entity.type
_entity.pdbx_description
1 polymer 'tRNA N6-adenosine threonylcarbamoyltransferase'
2 polymer 'tRNA threonylcarbamoyladenosine biosynthesis protein TsaB'
3 non-polymer 'MAGNESIUM ION'
4 non-polymer 'FE (III) ION'
5 non-polymer "ADENOSINE-5'-TRIPHOSPHATE"
6 non-polymer 'ACETATE ION'
7 non-polymer GLYCEROL
8 water water
#
loop_
_entity_poly.entity_id
_entity_poly.type
_entity_poly.pdbx_seq_one_letter_code
_entity_poly.pdbx_strand_id
1 'polypeptide(L)'
;MRVLGIETSCDETGIAIYDDEKGLLANQLYSQVKLHADYGGVVPELASRDHVRKTVPLIQAALKESGLTAKDIDAVAYTA
GPGLEGALLVGATVGRSLAFAWDVPAIPVHHMEGHLLAPMLEDNPPEFPFVALLVSGGHTQLISVTGIGQYELLGESIDD
AAGEAFDKTAKLLGLDYPGGPLLSKMAAQGTAGRFVFPRPMTDRPGLDFSFSGLKTFAANTIRDNGTDDQTRADIARAFE
DAVVDTLMIKCKRALDQTGFKRLVMAGGVSANRTLRAKLAEMMKKRRGEVFYARPEFCTDNGAMIAYAGMVRFKAGATAD
LGVSVRPRWPLAELPAAHHHHHH
;
A,B
2 'polypeptide(L)'
;MRILAIDTATEACSVALWNDGTVNAHFELCPREHTQRILPMVQDILTTSGTSLTDINALAYGRGPGSFTGVRIGIGIAQG
LALGAELPMIGVSTLMTMAQGAWRKNGATRVLAAIDARMGEVYWAEYQRDENGIWHGEETEAVLKPEIVHERMQQLSGEW
VTVGTGWQAWPDLGKESGLVLRDGEVLLPAAEDMLPIACQMFAEGKTVAVEHAEPVYLRNNVAWKKLPGKEHHHHHH
;
C,D
#
loop_
_chem_comp.id
_chem_comp.type
_chem_comp.name
_chem_comp.formula
ACT non-polymer 'ACETATE ION' 'C2 H3 O2 -1'
ATP non-polymer ADENOSINE-5'-TRIPHOSPHATE 'C10 H16 N5 O13 P3'
FE non-polymer 'FE (III) ION' 'Fe 3'
GOL non-polymer GLYCEROL 'C3 H8 O3'
MG non-polymer 'MAGNESIUM ION' 'Mg 2'
#
# COMPACT_ATOMS: atom_id res chain seq x y z
N MET A 1 -24.26 -30.62 13.06
CA MET A 1 -23.60 -30.35 11.77
C MET A 1 -22.08 -30.25 11.88
N ARG A 2 -21.41 -30.31 10.74
CA ARG A 2 -19.95 -30.19 10.66
C ARG A 2 -19.52 -29.12 9.68
N VAL A 3 -18.54 -28.31 10.10
CA VAL A 3 -18.00 -27.29 9.21
C VAL A 3 -16.49 -27.48 9.04
N LEU A 4 -16.02 -27.38 7.80
CA LEU A 4 -14.59 -27.41 7.50
C LEU A 4 -14.10 -25.99 7.45
N GLY A 5 -13.05 -25.69 8.21
CA GLY A 5 -12.58 -24.32 8.31
C GLY A 5 -11.19 -24.19 7.73
N ILE A 6 -10.97 -23.06 7.07
CA ILE A 6 -9.72 -22.87 6.33
C ILE A 6 -9.16 -21.51 6.69
N GLU A 7 -7.93 -21.52 7.17
CA GLU A 7 -7.29 -20.31 7.61
C GLU A 7 -5.97 -20.11 6.86
N THR A 8 -5.90 -19.06 6.06
CA THR A 8 -4.66 -18.66 5.38
C THR A 8 -4.49 -17.16 5.34
N SER A 9 -4.74 -16.49 6.44
CA SER A 9 -4.59 -15.04 6.53
C SER A 9 -3.20 -14.43 6.45
N CYS A 10 -2.23 -15.08 7.05
CA CYS A 10 -0.87 -14.61 7.11
C CYS A 10 0.14 -15.70 6.81
N ASP A 11 0.87 -16.14 7.80
CA ASP A 11 1.93 -17.08 7.65
C ASP A 11 1.65 -18.46 8.26
N GLU A 12 0.41 -18.74 8.57
CA GLU A 12 0.00 -20.04 9.04
C GLU A 12 -1.07 -20.62 8.14
N THR A 13 -0.97 -21.89 7.80
CA THR A 13 -2.07 -22.58 7.14
C THR A 13 -2.74 -23.47 8.15
N GLY A 14 -4.02 -23.25 8.40
CA GLY A 14 -4.74 -24.07 9.37
C GLY A 14 -6.00 -24.63 8.76
N ILE A 15 -6.23 -25.92 8.96
CA ILE A 15 -7.45 -26.53 8.53
C ILE A 15 -8.04 -27.22 9.73
N ALA A 16 -9.33 -27.07 9.95
CA ALA A 16 -9.97 -27.81 11.01
C ALA A 16 -11.37 -28.24 10.62
N ILE A 17 -11.92 -29.20 11.36
CA ILE A 17 -13.30 -29.59 11.20
C ILE A 17 -13.97 -29.52 12.58
N TYR A 18 -15.09 -28.83 12.67
CA TYR A 18 -15.79 -28.71 13.92
C TYR A 18 -17.19 -29.28 13.79
N ASP A 19 -17.54 -30.15 14.74
CA ASP A 19 -18.83 -30.81 14.80
C ASP A 19 -19.58 -30.23 16.00
N ASP A 20 -20.78 -29.66 15.81
CA ASP A 20 -21.50 -29.04 16.94
C ASP A 20 -22.14 -30.04 17.90
N GLU A 21 -22.07 -31.32 17.59
CA GLU A 21 -22.42 -32.32 18.58
C GLU A 21 -21.13 -32.76 19.29
N LYS A 22 -20.11 -33.17 18.53
CA LYS A 22 -18.98 -33.88 19.12
C LYS A 22 -17.72 -33.03 19.33
N GLY A 23 -17.76 -31.79 18.93
CA GLY A 23 -16.61 -30.92 19.04
C GLY A 23 -15.68 -30.94 17.85
N LEU A 24 -14.41 -30.70 18.11
CA LEU A 24 -13.38 -30.59 17.10
C LEU A 24 -12.93 -31.98 16.66
N LEU A 25 -13.18 -32.34 15.40
CA LEU A 25 -12.85 -33.66 14.87
C LEU A 25 -11.51 -33.72 14.18
N ALA A 26 -11.00 -32.59 13.74
CA ALA A 26 -9.68 -32.52 13.12
C ALA A 26 -9.08 -31.13 13.28
N ASN A 27 -7.77 -31.05 13.43
CA ASN A 27 -7.07 -29.79 13.46
C ASN A 27 -5.70 -30.02 12.84
N GLN A 28 -5.38 -29.26 11.81
CA GLN A 28 -4.12 -29.41 11.09
C GLN A 28 -3.48 -28.04 10.96
N LEU A 29 -2.17 -27.95 11.13
CA LEU A 29 -1.52 -26.66 11.09
C LEU A 29 -0.13 -26.73 10.49
N TYR A 30 0.20 -25.78 9.63
CA TYR A 30 1.58 -25.62 9.16
C TYR A 30 2.01 -24.18 9.39
N SER A 31 3.00 -23.97 10.24
CA SER A 31 3.50 -22.65 10.47
C SER A 31 4.67 -22.36 9.55
N GLN A 32 4.73 -21.15 9.01
CA GLN A 32 5.83 -20.78 8.11
C GLN A 32 6.94 -20.03 8.83
N VAL A 33 7.06 -20.18 10.15
CA VAL A 33 8.03 -19.38 10.91
C VAL A 33 9.45 -19.51 10.36
N LYS A 34 9.86 -20.72 10.07
CA LYS A 34 11.20 -20.92 9.53
C LYS A 34 11.39 -20.07 8.29
N LEU A 35 10.40 -20.05 7.41
CA LEU A 35 10.53 -19.34 6.14
C LEU A 35 10.70 -17.83 6.31
N HIS A 36 10.02 -17.24 7.29
CA HIS A 36 10.04 -15.79 7.44
C HIS A 36 11.04 -15.33 8.48
N ALA A 37 11.53 -16.24 9.31
CA ALA A 37 12.51 -15.85 10.30
C ALA A 37 13.65 -15.11 9.62
N ASP A 38 14.21 -15.70 8.57
CA ASP A 38 15.31 -15.11 7.77
C ASP A 38 15.13 -13.64 7.36
N TYR A 39 13.88 -13.21 7.20
CA TYR A 39 13.59 -11.89 6.67
C TYR A 39 13.17 -10.89 7.75
N GLY A 40 12.92 -11.37 8.95
CA GLY A 40 12.55 -10.49 10.07
C GLY A 40 11.12 -10.02 9.95
N GLY A 41 10.36 -10.68 9.08
CA GLY A 41 8.98 -10.34 8.85
C GLY A 41 8.43 -11.27 7.80
N VAL A 42 7.13 -11.15 7.53
CA VAL A 42 6.47 -12.03 6.57
C VAL A 42 6.56 -11.43 5.16
N VAL A 43 7.10 -12.18 4.22
CA VAL A 43 7.17 -11.74 2.83
C VAL A 43 5.90 -12.22 2.14
N PRO A 44 5.03 -11.27 1.76
CA PRO A 44 3.69 -11.59 1.25
C PRO A 44 3.71 -12.61 0.12
N GLU A 45 4.64 -12.42 -0.81
CA GLU A 45 4.72 -13.32 -1.96
C GLU A 45 5.12 -14.72 -1.53
N LEU A 46 6.08 -14.84 -0.61
CA LEU A 46 6.52 -16.16 -0.14
C LEU A 46 5.45 -16.85 0.71
N ALA A 47 4.72 -16.07 1.50
CA ALA A 47 3.60 -16.60 2.30
C ALA A 47 2.51 -17.15 1.40
N SER A 48 2.16 -16.40 0.37
CA SER A 48 1.16 -16.82 -0.59
C SER A 48 1.54 -18.12 -1.27
N ARG A 49 2.82 -18.26 -1.61
CA ARG A 49 3.28 -19.44 -2.34
C ARG A 49 3.21 -20.68 -1.47
N ASP A 50 3.52 -20.52 -0.18
CA ASP A 50 3.55 -21.64 0.72
C ASP A 50 2.16 -22.13 1.04
N HIS A 51 1.20 -21.21 1.07
CA HIS A 51 -0.20 -21.62 1.31
C HIS A 51 -0.67 -22.52 0.18
N VAL A 52 -0.26 -22.21 -1.06
CA VAL A 52 -0.64 -23.07 -2.17
C VAL A 52 -0.15 -24.50 -1.98
N ARG A 53 1.05 -24.62 -1.46
CA ARG A 53 1.67 -25.92 -1.17
C ARG A 53 1.03 -26.67 -0.01
N LYS A 54 0.38 -25.97 0.92
CA LYS A 54 -0.08 -26.63 2.16
C LYS A 54 -1.57 -26.84 2.25
N THR A 55 -2.34 -26.03 1.55
CA THR A 55 -3.76 -25.98 1.78
C THR A 55 -4.44 -27.27 1.45
N VAL A 56 -4.33 -27.70 0.20
CA VAL A 56 -4.97 -28.95 -0.18
C VAL A 56 -4.53 -30.16 0.65
N PRO A 57 -3.24 -30.34 0.82
CA PRO A 57 -2.79 -31.52 1.62
C PRO A 57 -3.27 -31.50 3.06
N LEU A 58 -3.42 -30.30 3.66
CA LEU A 58 -3.91 -30.22 5.02
C LEU A 58 -5.40 -30.50 5.08
N ILE A 59 -6.11 -30.20 4.00
CA ILE A 59 -7.52 -30.55 3.92
C ILE A 59 -7.66 -32.08 3.85
N GLN A 60 -6.86 -32.70 3.01
CA GLN A 60 -6.86 -34.16 2.90
C GLN A 60 -6.49 -34.85 4.22
N ALA A 61 -5.49 -34.33 4.92
CA ALA A 61 -5.11 -34.86 6.21
C ALA A 61 -6.22 -34.67 7.24
N ALA A 62 -6.88 -33.52 7.21
CA ALA A 62 -8.01 -33.29 8.09
C ALA A 62 -9.13 -34.35 7.90
N LEU A 63 -9.56 -34.60 6.67
CA LEU A 63 -10.58 -35.62 6.40
C LEU A 63 -10.11 -37.02 6.78
N LYS A 64 -8.84 -37.31 6.56
CA LYS A 64 -8.23 -38.55 7.02
C LYS A 64 -8.26 -38.66 8.56
N GLU A 65 -7.74 -37.64 9.23
CA GLU A 65 -7.75 -37.57 10.69
C GLU A 65 -9.16 -37.79 11.29
N SER A 66 -10.17 -37.29 10.62
CA SER A 66 -11.52 -37.34 11.17
C SER A 66 -12.31 -38.58 10.71
N GLY A 67 -11.74 -39.36 9.79
CA GLY A 67 -12.42 -40.52 9.25
C GLY A 67 -13.71 -40.12 8.54
N LEU A 68 -13.76 -38.88 8.08
CA LEU A 68 -14.94 -38.37 7.41
C LEU A 68 -14.74 -38.29 5.89
N THR A 69 -15.85 -38.20 5.18
CA THR A 69 -15.85 -38.04 3.75
C THR A 69 -16.64 -36.81 3.36
N ALA A 70 -16.51 -36.44 2.09
CA ALA A 70 -17.10 -35.23 1.56
C ALA A 70 -18.56 -35.05 1.96
N LYS A 71 -19.33 -36.11 1.89
CA LYS A 71 -20.76 -36.01 2.20
C LYS A 71 -21.05 -35.71 3.68
N ASP A 72 -20.03 -35.82 4.54
CA ASP A 72 -20.18 -35.53 5.99
C ASP A 72 -20.01 -34.04 6.33
N ILE A 73 -19.54 -33.24 5.38
CA ILE A 73 -19.33 -31.82 5.64
C ILE A 73 -20.56 -31.04 5.19
N ASP A 74 -21.10 -30.17 6.04
CA ASP A 74 -22.26 -29.36 5.70
C ASP A 74 -21.94 -27.94 5.23
N ALA A 75 -20.71 -27.49 5.47
CA ALA A 75 -20.33 -26.17 5.00
C ALA A 75 -18.83 -26.02 5.04
N VAL A 76 -18.34 -25.13 4.17
CA VAL A 76 -16.93 -24.78 4.12
C VAL A 76 -16.71 -23.32 4.49
N ALA A 77 -15.95 -23.10 5.56
CA ALA A 77 -15.64 -21.78 6.03
C ALA A 77 -14.19 -21.43 5.67
N TYR A 78 -13.94 -20.16 5.39
CA TYR A 78 -12.61 -19.67 5.08
C TYR A 78 -12.46 -18.23 5.51
N THR A 79 -11.26 -17.89 5.98
CA THR A 79 -10.95 -16.52 6.37
C THR A 79 -10.96 -15.62 5.15
N ALA A 80 -11.75 -14.55 5.23
CA ALA A 80 -11.86 -13.62 4.12
C ALA A 80 -11.15 -12.32 4.42
N GLY A 81 -10.67 -12.20 5.64
CA GLY A 81 -9.97 -10.99 6.11
C GLY A 81 -10.22 -10.76 7.59
N PRO A 82 -9.47 -9.82 8.20
CA PRO A 82 -8.36 -9.09 7.58
C PRO A 82 -7.09 -9.94 7.42
N GLY A 83 -6.10 -9.41 6.71
CA GLY A 83 -4.81 -10.05 6.56
C GLY A 83 -4.18 -9.70 5.22
N LEU A 84 -3.22 -10.52 4.80
CA LEU A 84 -2.51 -10.30 3.54
C LEU A 84 -3.40 -10.73 2.40
N GLU A 85 -3.65 -9.84 1.46
CA GLU A 85 -4.50 -10.18 0.31
C GLU A 85 -4.11 -11.51 -0.38
N GLY A 86 -2.83 -11.66 -0.71
CA GLY A 86 -2.33 -12.81 -1.43
C GLY A 86 -2.46 -14.11 -0.68
N ALA A 87 -2.30 -14.07 0.64
CA ALA A 87 -2.48 -15.26 1.46
C ALA A 87 -3.97 -15.61 1.55
N LEU A 88 -4.77 -14.60 1.85
CA LEU A 88 -6.22 -14.76 1.98
C LEU A 88 -6.86 -15.36 0.73
N LEU A 89 -6.34 -14.98 -0.44
CA LEU A 89 -6.92 -15.47 -1.69
C LEU A 89 -6.72 -16.96 -1.90
N VAL A 90 -5.67 -17.55 -1.32
CA VAL A 90 -5.45 -18.98 -1.45
C VAL A 90 -6.55 -19.76 -0.75
N GLY A 91 -6.74 -19.47 0.54
CA GLY A 91 -7.77 -20.13 1.32
C GLY A 91 -9.14 -19.89 0.77
N ALA A 92 -9.44 -18.65 0.35
CA ALA A 92 -10.75 -18.29 -0.13
C ALA A 92 -11.08 -18.93 -1.50
N THR A 93 -10.11 -19.04 -2.40
CA THR A 93 -10.38 -19.69 -3.70
C THR A 93 -10.50 -21.20 -3.59
N VAL A 94 -9.61 -21.83 -2.83
CA VAL A 94 -9.76 -23.25 -2.60
C VAL A 94 -11.12 -23.48 -1.90
N GLY A 95 -11.35 -22.73 -0.83
CA GLY A 95 -12.51 -22.94 -0.01
C GLY A 95 -13.79 -22.74 -0.79
N ARG A 96 -13.86 -21.64 -1.57
CA ARG A 96 -15.08 -21.35 -2.29
C ARG A 96 -15.39 -22.32 -3.44
N SER A 97 -14.37 -22.87 -4.08
CA SER A 97 -14.59 -23.78 -5.21
C SER A 97 -14.83 -25.17 -4.67
N LEU A 98 -14.18 -25.49 -3.55
CA LEU A 98 -14.48 -26.72 -2.86
C LEU A 98 -15.97 -26.78 -2.46
N ALA A 99 -16.47 -25.73 -1.83
CA ALA A 99 -17.91 -25.67 -1.45
C ALA A 99 -18.81 -25.78 -2.68
N PHE A 100 -18.40 -25.17 -3.79
CA PHE A 100 -19.16 -25.30 -5.03
C PHE A 100 -19.19 -26.74 -5.53
N ALA A 101 -18.04 -27.41 -5.50
CA ALA A 101 -17.97 -28.80 -5.90
C ALA A 101 -18.70 -29.77 -4.97
N TRP A 102 -18.68 -29.49 -3.69
CA TRP A 102 -19.43 -30.35 -2.75
C TRP A 102 -20.87 -29.89 -2.75
N ASP A 103 -21.13 -28.73 -3.39
CA ASP A 103 -22.43 -28.11 -3.41
C ASP A 103 -22.97 -27.85 -1.96
N VAL A 104 -22.14 -27.24 -1.12
CA VAL A 104 -22.52 -26.84 0.22
C VAL A 104 -22.23 -25.37 0.42
N PRO A 105 -22.88 -24.74 1.41
CA PRO A 105 -22.64 -23.34 1.70
C PRO A 105 -21.19 -22.98 1.99
N ALA A 106 -20.82 -21.78 1.53
CA ALA A 106 -19.47 -21.28 1.68
C ALA A 106 -19.58 -20.09 2.63
N ILE A 107 -18.74 -20.09 3.67
CA ILE A 107 -18.83 -19.09 4.72
C ILE A 107 -17.57 -18.22 4.86
N PRO A 108 -17.65 -16.95 4.51
CA PRO A 108 -16.49 -16.11 4.73
C PRO A 108 -16.41 -15.73 6.18
N VAL A 109 -15.26 -15.88 6.82
CA VAL A 109 -15.12 -15.60 8.23
C VAL A 109 -14.14 -14.45 8.43
N HIS A 110 -14.47 -13.59 9.39
CA HIS A 110 -13.61 -12.52 9.82
C HIS A 110 -12.52 -13.09 10.75
N HIS A 111 -11.24 -12.88 10.39
CA HIS A 111 -10.15 -13.46 11.12
C HIS A 111 -10.19 -13.13 12.63
N MET A 112 -10.51 -11.89 12.97
CA MET A 112 -10.54 -11.47 14.38
C MET A 112 -11.74 -12.03 15.14
N GLU A 113 -12.86 -12.18 14.46
CA GLU A 113 -13.98 -12.88 15.08
C GLU A 113 -13.58 -14.29 15.38
N GLY A 114 -12.75 -14.85 14.51
CA GLY A 114 -12.15 -16.17 14.76
C GLY A 114 -11.41 -16.20 16.08
N HIS A 115 -10.53 -15.24 16.30
CA HIS A 115 -9.78 -15.19 17.57
C HIS A 115 -10.73 -15.00 18.75
N LEU A 116 -11.69 -14.12 18.59
CA LEU A 116 -12.58 -13.79 19.68
C LEU A 116 -13.36 -14.99 20.17
N LEU A 117 -13.67 -15.91 19.29
CA LEU A 117 -14.53 -17.04 19.62
C LEU A 117 -13.74 -18.30 19.97
N ALA A 118 -12.42 -18.24 19.89
CA ALA A 118 -11.62 -19.43 20.18
C ALA A 118 -11.85 -19.98 21.60
N PRO A 119 -12.03 -19.10 22.60
CA PRO A 119 -12.33 -19.65 23.92
C PRO A 119 -13.63 -20.49 23.96
N MET A 120 -14.46 -20.44 22.93
CA MET A 120 -15.65 -21.27 22.90
C MET A 120 -15.35 -22.75 22.61
N LEU A 121 -14.10 -23.05 22.30
CA LEU A 121 -13.68 -24.42 22.03
C LEU A 121 -13.33 -25.21 23.29
N GLU A 122 -13.25 -24.54 24.43
CA GLU A 122 -12.94 -25.20 25.69
C GLU A 122 -14.25 -25.50 26.46
N ASP A 123 -14.15 -26.32 27.50
CA ASP A 123 -15.33 -26.63 28.36
C ASP A 123 -15.80 -25.40 29.12
N ASN A 124 -17.07 -25.38 29.45
CA ASN A 124 -17.70 -24.21 30.07
C ASN A 124 -17.27 -22.91 29.44
N PRO A 125 -17.64 -22.71 28.17
CA PRO A 125 -17.38 -21.46 27.45
C PRO A 125 -18.17 -20.28 28.00
N PRO A 126 -17.81 -19.05 27.61
CA PRO A 126 -18.49 -17.87 28.17
C PRO A 126 -19.86 -17.63 27.53
N GLU A 127 -20.82 -17.25 28.35
CA GLU A 127 -22.11 -16.74 27.88
C GLU A 127 -22.01 -15.24 27.61
N PHE A 128 -22.87 -14.75 26.75
CA PHE A 128 -22.99 -13.29 26.52
C PHE A 128 -23.68 -12.68 27.72
N PRO A 129 -23.39 -11.42 28.02
CA PRO A 129 -22.41 -10.56 27.37
C PRO A 129 -21.04 -10.66 28.04
N PHE A 130 -20.00 -10.16 27.37
CA PHE A 130 -18.68 -10.12 27.98
C PHE A 130 -17.82 -9.07 27.36
N VAL A 131 -16.79 -8.64 28.09
CA VAL A 131 -15.76 -7.78 27.49
C VAL A 131 -14.75 -8.73 26.87
N ALA A 132 -14.23 -8.38 25.69
CA ALA A 132 -13.19 -9.19 25.08
C ALA A 132 -11.95 -8.37 24.84
N LEU A 133 -10.81 -8.90 25.23
CA LEU A 133 -9.53 -8.31 24.94
C LEU A 133 -8.90 -9.08 23.80
N LEU A 134 -8.88 -8.49 22.61
CA LEU A 134 -8.19 -9.11 21.47
C LEU A 134 -6.82 -8.51 21.45
N VAL A 135 -5.83 -9.34 21.74
CA VAL A 135 -4.47 -8.89 21.74
C VAL A 135 -3.61 -9.86 20.89
N SER A 136 -3.35 -9.45 19.65
CA SER A 136 -2.64 -10.28 18.68
C SER A 136 -1.44 -9.57 18.10
N GLY A 137 -0.93 -10.10 16.99
CA GLY A 137 0.23 -9.52 16.32
C GLY A 137 -0.02 -8.10 15.82
N GLY A 138 -1.13 -7.89 15.15
CA GLY A 138 -1.46 -6.58 14.60
C GLY A 138 -2.70 -5.93 15.15
N HIS A 139 -3.31 -6.50 16.17
CA HIS A 139 -4.53 -5.91 16.75
C HIS A 139 -4.45 -5.86 18.27
N THR A 140 -4.98 -4.80 18.84
CA THR A 140 -5.16 -4.69 20.26
C THR A 140 -6.44 -3.91 20.53
N GLN A 141 -7.50 -4.61 20.88
CA GLN A 141 -8.81 -3.97 21.04
C GLN A 141 -9.57 -4.48 22.26
N LEU A 142 -10.37 -3.60 22.86
CA LEU A 142 -11.36 -3.96 23.84
C LEU A 142 -12.75 -3.88 23.19
N ILE A 143 -13.52 -4.94 23.33
CA ILE A 143 -14.80 -5.01 22.70
C ILE A 143 -15.89 -5.46 23.68
N SER A 144 -17.00 -4.74 23.66
CA SER A 144 -18.20 -5.19 24.37
C SER A 144 -19.02 -6.13 23.51
N VAL A 145 -19.07 -7.40 23.89
CA VAL A 145 -19.78 -8.41 23.13
C VAL A 145 -21.10 -8.77 23.79
N THR A 146 -22.20 -8.44 23.15
CA THR A 146 -23.53 -8.67 23.74
C THR A 146 -24.28 -9.82 23.05
N GLY A 147 -23.70 -10.34 21.98
CA GLY A 147 -24.29 -11.46 21.27
C GLY A 147 -23.56 -11.75 19.99
N ILE A 148 -24.02 -12.77 19.27
CA ILE A 148 -23.39 -13.13 18.01
C ILE A 148 -23.44 -12.00 17.02
N GLY A 149 -22.29 -11.68 16.45
CA GLY A 149 -22.18 -10.58 15.49
C GLY A 149 -22.49 -9.22 16.07
N GLN A 150 -22.59 -9.14 17.40
CA GLN A 150 -22.92 -7.87 18.05
C GLN A 150 -21.73 -7.31 18.80
N TYR A 151 -20.88 -6.62 18.09
CA TYR A 151 -19.62 -6.15 18.65
C TYR A 151 -19.57 -4.66 18.70
N GLU A 152 -19.12 -4.14 19.85
CA GLU A 152 -18.96 -2.72 20.01
C GLU A 152 -17.55 -2.42 20.44
N LEU A 153 -16.91 -1.52 19.72
CA LEU A 153 -15.54 -1.12 20.02
C LEU A 153 -15.47 -0.24 21.26
N LEU A 154 -14.79 -0.72 22.30
CA LEU A 154 -14.63 0.07 23.52
C LEU A 154 -13.37 0.90 23.46
N GLY A 155 -12.30 0.33 22.93
CA GLY A 155 -11.01 1.01 22.87
C GLY A 155 -10.08 0.27 21.92
N GLU A 156 -9.04 0.93 21.46
CA GLU A 156 -8.09 0.28 20.55
C GLU A 156 -6.75 0.97 20.60
N SER A 157 -5.76 0.34 20.01
CA SER A 157 -4.44 0.94 19.92
C SER A 157 -4.43 2.06 18.90
N ILE A 158 -3.82 3.16 19.27
CA ILE A 158 -3.61 4.23 18.35
C ILE A 158 -2.30 4.13 17.62
N ASP A 159 -1.44 3.19 17.99
CA ASP A 159 -0.20 2.97 17.28
C ASP A 159 0.11 1.51 17.09
N ASP A 160 1.16 1.00 17.70
CA ASP A 160 1.47 -0.42 17.64
C ASP A 160 0.55 -1.32 18.45
N ALA A 161 0.29 -2.51 17.96
CA ALA A 161 -0.35 -3.53 18.73
C ALA A 161 0.61 -4.11 19.77
N ALA A 162 0.07 -4.75 20.78
CA ALA A 162 0.89 -5.36 21.81
C ALA A 162 1.76 -6.49 21.34
N GLY A 163 1.25 -7.31 20.46
CA GLY A 163 2.03 -8.36 19.83
C GLY A 163 3.26 -7.79 19.15
N GLU A 164 3.10 -6.75 18.32
CA GLU A 164 4.28 -6.21 17.62
C GLU A 164 5.25 -5.57 18.62
N ALA A 165 4.73 -4.99 19.69
CA ALA A 165 5.59 -4.39 20.71
C ALA A 165 6.44 -5.42 21.37
N PHE A 166 5.88 -6.60 21.65
CA PHE A 166 6.68 -7.71 22.15
C PHE A 166 7.76 -8.09 21.14
N ASP A 167 7.37 -8.22 19.87
CA ASP A 167 8.28 -8.62 18.80
C ASP A 167 9.42 -7.63 18.64
N LYS A 168 9.11 -6.35 18.66
CA LYS A 168 10.13 -5.30 18.46
C LYS A 168 11.12 -5.25 19.63
N THR A 169 10.59 -5.25 20.86
CA THR A 169 11.46 -5.27 22.01
C THR A 169 12.30 -6.56 22.03
N ALA A 170 11.70 -7.66 21.60
CA ALA A 170 12.40 -8.95 21.61
C ALA A 170 13.62 -8.89 20.66
N LYS A 171 13.42 -8.28 19.49
CA LYS A 171 14.50 -8.15 18.53
C LYS A 171 15.64 -7.30 19.06
N LEU A 172 15.30 -6.20 19.74
CA LEU A 172 16.30 -5.35 20.40
C LEU A 172 17.07 -6.14 21.44
N LEU A 173 16.41 -7.09 22.06
CA LEU A 173 17.07 -7.96 23.01
C LEU A 173 17.86 -9.06 22.27
N GLY A 174 17.80 -9.02 20.95
CA GLY A 174 18.51 -9.97 20.09
C GLY A 174 17.87 -11.34 19.87
N LEU A 175 16.54 -11.44 20.00
CA LEU A 175 15.82 -12.69 19.84
C LEU A 175 15.23 -12.89 18.44
N ASP A 176 14.97 -14.14 18.07
CA ASP A 176 14.47 -14.45 16.71
C ASP A 176 12.99 -14.10 16.55
N TYR A 177 12.64 -13.66 15.35
CA TYR A 177 11.28 -13.25 15.00
C TYR A 177 10.35 -14.43 14.74
N PRO A 178 9.16 -14.42 15.36
CA PRO A 178 8.66 -13.49 16.38
C PRO A 178 9.09 -13.89 17.80
N GLY A 179 9.60 -12.93 18.57
CA GLY A 179 10.18 -13.22 19.89
C GLY A 179 9.26 -13.04 21.08
N GLY A 180 8.00 -12.69 20.83
CA GLY A 180 7.04 -12.57 21.93
C GLY A 180 7.21 -13.67 22.98
N PRO A 181 7.04 -14.93 22.59
CA PRO A 181 7.18 -16.06 23.52
C PRO A 181 8.59 -16.17 24.08
N LEU A 182 9.59 -15.84 23.26
CA LEU A 182 10.98 -15.91 23.74
C LEU A 182 11.27 -14.83 24.78
N LEU A 183 10.87 -13.59 24.47
CA LEU A 183 10.98 -12.50 25.45
C LEU A 183 10.35 -12.93 26.76
N SER A 184 9.16 -13.51 26.67
CA SER A 184 8.47 -14.02 27.86
C SER A 184 9.26 -15.10 28.61
N LYS A 185 9.97 -15.97 27.91
CA LYS A 185 10.80 -17.00 28.59
C LYS A 185 12.01 -16.37 29.27
N MET A 186 12.54 -15.32 28.67
CA MET A 186 13.63 -14.55 29.27
C MET A 186 13.18 -13.77 30.50
N ALA A 187 12.01 -13.15 30.39
CA ALA A 187 11.46 -12.37 31.51
C ALA A 187 11.32 -13.22 32.78
N ALA A 188 11.12 -14.52 32.61
CA ALA A 188 10.89 -15.39 33.78
C ALA A 188 12.10 -15.44 34.72
N GLN A 189 13.29 -15.21 34.17
CA GLN A 189 14.55 -15.22 34.92
C GLN A 189 14.84 -13.88 35.59
N GLY A 190 14.13 -12.85 35.18
CA GLY A 190 14.39 -11.51 35.66
C GLY A 190 13.88 -11.23 37.08
N THR A 191 14.52 -10.29 37.74
CA THR A 191 14.11 -9.91 39.08
C THR A 191 13.16 -8.71 39.03
N ALA A 192 11.96 -8.92 39.56
CA ALA A 192 10.92 -7.88 39.60
C ALA A 192 11.43 -6.60 40.24
N GLY A 193 11.15 -5.47 39.60
CA GLY A 193 11.47 -4.14 40.16
C GLY A 193 12.81 -3.56 39.74
N ARG A 194 13.72 -4.36 39.19
CA ARG A 194 15.04 -3.85 38.89
C ARG A 194 14.91 -2.62 37.98
N PHE A 195 14.04 -2.69 36.98
CA PHE A 195 13.64 -1.53 36.19
C PHE A 195 12.14 -1.38 36.28
N VAL A 196 11.64 -0.16 36.16
CA VAL A 196 10.20 0.09 36.15
C VAL A 196 9.81 0.94 34.94
N PHE A 197 8.99 0.36 34.06
CA PHE A 197 8.58 0.99 32.82
C PHE A 197 7.22 1.62 32.94
N PRO A 198 6.91 2.57 32.04
CA PRO A 198 5.61 3.23 32.12
C PRO A 198 4.47 2.30 31.73
N ARG A 199 3.31 2.56 32.29
CA ARG A 199 2.07 1.92 31.87
C ARG A 199 1.33 2.87 30.94
N PRO A 200 1.50 2.71 29.62
CA PRO A 200 1.00 3.79 28.73
C PRO A 200 -0.51 4.02 28.80
N MET A 201 -0.91 5.28 28.77
CA MET A 201 -2.30 5.73 28.72
C MET A 201 -3.14 5.32 29.92
N THR A 202 -2.51 5.18 31.07
CA THR A 202 -3.21 4.85 32.29
C THR A 202 -3.40 6.07 33.22
N ASP A 203 -2.67 7.17 33.03
CA ASP A 203 -2.86 8.33 33.91
C ASP A 203 -4.00 9.29 33.52
N ARG A 204 -4.74 8.93 32.49
CA ARG A 204 -5.96 9.63 32.14
C ARG A 204 -7.03 8.56 31.95
N PRO A 205 -8.31 8.90 32.16
CA PRO A 205 -9.38 7.97 31.82
C PRO A 205 -9.33 7.59 30.35
N GLY A 206 -10.00 6.52 29.99
CA GLY A 206 -10.18 6.13 28.60
C GLY A 206 -9.74 4.69 28.38
N LEU A 207 -10.22 4.11 27.28
CA LEU A 207 -9.97 2.69 27.00
C LEU A 207 -9.03 2.40 25.85
N ASP A 208 -8.37 3.42 25.34
CA ASP A 208 -7.46 3.26 24.21
C ASP A 208 -6.09 2.82 24.66
N PHE A 209 -5.31 2.35 23.71
CA PHE A 209 -3.99 1.82 23.94
C PHE A 209 -2.94 2.55 23.10
N SER A 210 -1.71 2.50 23.59
CA SER A 210 -0.54 2.99 22.89
C SER A 210 0.65 2.18 23.41
N PHE A 211 1.56 1.79 22.53
CA PHE A 211 2.72 0.98 22.99
C PHE A 211 4.03 1.47 22.44
N SER A 212 3.97 2.50 21.62
CA SER A 212 5.19 3.02 20.94
C SER A 212 6.23 3.65 21.88
N GLY A 213 5.76 4.34 22.89
CA GLY A 213 6.63 4.99 23.87
C GLY A 213 7.27 3.99 24.83
N LEU A 214 6.55 2.92 25.10
CA LEU A 214 7.09 1.85 25.92
C LEU A 214 8.25 1.14 25.20
N LYS A 215 8.10 0.97 23.89
CA LYS A 215 9.19 0.38 23.08
C LYS A 215 10.49 1.16 23.19
N THR A 216 10.38 2.48 23.02
CA THR A 216 11.53 3.39 23.12
C THR A 216 12.13 3.41 24.55
N PHE A 217 11.26 3.41 25.55
CA PHE A 217 11.69 3.33 26.95
C PHE A 217 12.58 2.10 27.20
N ALA A 218 12.19 0.96 26.64
CA ALA A 218 12.97 -0.26 26.78
C ALA A 218 14.21 -0.21 25.91
N ALA A 219 14.08 0.31 24.69
CA ALA A 219 15.24 0.48 23.82
C ALA A 219 16.32 1.35 24.47
N ASN A 220 15.91 2.42 25.17
CA ASN A 220 16.85 3.31 25.87
C ASN A 220 17.51 2.64 27.08
N THR A 221 16.75 1.81 27.78
CA THR A 221 17.28 1.09 28.92
C THR A 221 18.29 0.02 28.46
N ILE A 222 17.98 -0.67 27.37
CA ILE A 222 18.90 -1.67 26.80
C ILE A 222 20.21 -1.01 26.42
N ARG A 223 20.12 0.21 25.90
CA ARG A 223 21.29 0.95 25.42
C ARG A 223 22.20 1.42 26.56
N ASP A 224 21.61 1.75 27.70
CA ASP A 224 22.32 2.38 28.79
C ASP A 224 22.52 1.44 29.97
N ASN A 225 22.49 0.14 29.71
CA ASN A 225 22.76 -0.84 30.75
C ASN A 225 23.56 -2.01 30.21
N GLY A 226 24.13 -2.81 31.10
CA GLY A 226 24.93 -3.98 30.70
C GLY A 226 24.15 -4.97 29.85
N THR A 227 24.86 -5.62 28.94
CA THR A 227 24.26 -6.63 28.07
C THR A 227 24.46 -8.04 28.64
N ASP A 228 24.81 -8.12 29.91
CA ASP A 228 24.93 -9.43 30.55
C ASP A 228 23.56 -10.10 30.63
N ASP A 229 23.56 -11.41 30.88
CA ASP A 229 22.35 -12.22 30.77
C ASP A 229 21.27 -11.84 31.80
N GLN A 230 21.69 -11.51 33.01
CA GLN A 230 20.76 -11.20 34.08
C GLN A 230 20.11 -9.84 33.88
N THR A 231 20.88 -8.88 33.36
CA THR A 231 20.34 -7.55 33.11
C THR A 231 19.31 -7.59 31.96
N ARG A 232 19.65 -8.29 30.88
CA ARG A 232 18.72 -8.53 29.78
C ARG A 232 17.39 -9.13 30.29
N ALA A 233 17.47 -10.10 31.20
CA ALA A 233 16.27 -10.68 31.77
C ALA A 233 15.48 -9.66 32.60
N ASP A 234 16.18 -8.79 33.33
CA ASP A 234 15.51 -7.80 34.17
C ASP A 234 14.73 -6.79 33.31
N ILE A 235 15.24 -6.54 32.10
CA ILE A 235 14.60 -5.64 31.19
C ILE A 235 13.38 -6.29 30.54
N ALA A 236 13.50 -7.55 30.16
CA ALA A 236 12.41 -8.29 29.55
C ALA A 236 11.24 -8.39 30.54
N ARG A 237 11.55 -8.54 31.82
CA ARG A 237 10.51 -8.69 32.82
C ARG A 237 9.81 -7.37 33.11
N ALA A 238 10.57 -6.29 33.24
CA ALA A 238 10.00 -4.96 33.40
C ALA A 238 9.04 -4.64 32.23
N PHE A 239 9.49 -4.95 31.01
CA PHE A 239 8.66 -4.73 29.82
C PHE A 239 7.38 -5.56 29.85
N GLU A 240 7.50 -6.85 30.10
CA GLU A 240 6.34 -7.71 30.10
C GLU A 240 5.38 -7.27 31.24
N ASP A 241 5.94 -6.97 32.42
CA ASP A 241 5.17 -6.49 33.55
C ASP A 241 4.47 -5.17 33.23
N ALA A 242 5.11 -4.32 32.44
CA ALA A 242 4.49 -3.06 32.04
C ALA A 242 3.31 -3.33 31.11
N VAL A 243 3.53 -4.16 30.10
CA VAL A 243 2.46 -4.46 29.15
C VAL A 243 1.30 -5.13 29.87
N VAL A 244 1.60 -6.14 30.65
CA VAL A 244 0.56 -6.90 31.36
C VAL A 244 -0.26 -6.05 32.35
N ASP A 245 0.40 -5.12 33.05
CA ASP A 245 -0.32 -4.24 33.96
C ASP A 245 -1.20 -3.25 33.20
N THR A 246 -0.67 -2.74 32.08
CA THR A 246 -1.47 -1.90 31.20
C THR A 246 -2.74 -2.57 30.73
N LEU A 247 -2.62 -3.79 30.19
CA LEU A 247 -3.81 -4.52 29.70
C LEU A 247 -4.77 -4.80 30.86
N MET A 248 -4.23 -5.13 32.00
CA MET A 248 -5.04 -5.44 33.18
C MET A 248 -5.87 -4.21 33.55
N ILE A 249 -5.20 -3.06 33.63
CA ILE A 249 -5.85 -1.81 34.01
C ILE A 249 -6.97 -1.44 33.05
N LYS A 250 -6.69 -1.58 31.76
CA LYS A 250 -7.67 -1.26 30.75
C LYS A 250 -8.86 -2.22 30.78
N CYS A 251 -8.61 -3.49 31.03
CA CYS A 251 -9.67 -4.47 31.18
C CYS A 251 -10.56 -4.17 32.38
N LYS A 252 -9.95 -3.78 33.48
CA LYS A 252 -10.65 -3.34 34.67
C LYS A 252 -11.58 -2.19 34.33
N ARG A 253 -11.07 -1.19 33.62
CA ARG A 253 -11.87 -0.01 33.32
C ARG A 253 -13.01 -0.35 32.43
N ALA A 254 -12.77 -1.32 31.53
CA ALA A 254 -13.80 -1.78 30.59
C ALA A 254 -14.88 -2.59 31.32
N LEU A 255 -14.47 -3.38 32.29
CA LEU A 255 -15.45 -4.14 33.08
C LEU A 255 -16.30 -3.18 33.92
N ASP A 256 -15.64 -2.21 34.53
CA ASP A 256 -16.30 -1.17 35.30
C ASP A 256 -17.32 -0.43 34.46
N GLN A 257 -16.94 -0.09 33.23
CA GLN A 257 -17.79 0.72 32.36
C GLN A 257 -18.99 -0.07 31.84
N THR A 258 -18.78 -1.32 31.45
CA THR A 258 -19.88 -2.13 30.91
C THR A 258 -20.73 -2.77 32.03
N GLY A 259 -20.12 -2.96 33.19
CA GLY A 259 -20.76 -3.69 34.27
C GLY A 259 -20.75 -5.20 34.08
N PHE A 260 -19.98 -5.71 33.10
CA PHE A 260 -20.00 -7.15 32.84
C PHE A 260 -19.11 -7.87 33.87
N LYS A 261 -19.37 -9.15 34.08
CA LYS A 261 -18.60 -9.95 35.01
C LYS A 261 -17.75 -11.01 34.30
N ARG A 262 -17.77 -11.01 32.96
CA ARG A 262 -17.01 -11.96 32.17
C ARG A 262 -15.97 -11.29 31.28
N LEU A 263 -14.75 -11.80 31.33
CA LEU A 263 -13.65 -11.26 30.53
C LEU A 263 -13.09 -12.38 29.66
N VAL A 264 -13.15 -12.15 28.36
CA VAL A 264 -12.68 -13.08 27.36
C VAL A 264 -11.42 -12.48 26.75
N MET A 265 -10.37 -13.28 26.66
CA MET A 265 -9.13 -12.79 26.10
C MET A 265 -8.74 -13.68 24.95
N ALA A 266 -8.33 -13.06 23.85
CA ALA A 266 -8.06 -13.79 22.63
C ALA A 266 -6.90 -13.19 21.89
N GLY A 267 -6.40 -13.91 20.89
CA GLY A 267 -5.26 -13.47 20.15
C GLY A 267 -4.01 -14.03 20.74
N GLY A 268 -2.90 -13.88 20.02
CA GLY A 268 -1.66 -14.55 20.36
C GLY A 268 -1.04 -14.13 21.66
N VAL A 269 -1.18 -12.86 22.00
CA VAL A 269 -0.60 -12.38 23.26
C VAL A 269 -1.29 -12.99 24.47
N SER A 270 -2.51 -13.47 24.28
CA SER A 270 -3.26 -14.09 25.36
C SER A 270 -2.73 -15.50 25.71
N ALA A 271 -1.70 -15.96 25.00
CA ALA A 271 -0.97 -17.14 25.40
C ALA A 271 0.03 -16.78 26.48
N ASN A 272 0.26 -15.48 26.67
CA ASN A 272 1.23 -15.04 27.64
C ASN A 272 0.84 -15.53 29.04
N ARG A 273 1.78 -16.17 29.73
CA ARG A 273 1.49 -16.82 31.01
C ARG A 273 1.29 -15.81 32.12
N THR A 274 2.04 -14.71 32.09
CA THR A 274 1.91 -13.66 33.10
C THR A 274 0.53 -13.02 32.96
N LEU A 275 0.11 -12.76 31.71
CA LEU A 275 -1.15 -12.11 31.45
C LEU A 275 -2.34 -12.98 31.85
N ARG A 276 -2.28 -14.28 31.54
CA ARG A 276 -3.31 -15.22 31.95
C ARG A 276 -3.44 -15.24 33.47
N ALA A 277 -2.33 -15.34 34.18
CA ALA A 277 -2.37 -15.38 35.65
C ALA A 277 -2.94 -14.05 36.22
N LYS A 278 -2.46 -12.95 35.69
CA LYS A 278 -2.92 -11.62 36.14
C LYS A 278 -4.40 -11.39 35.92
N LEU A 279 -4.91 -11.74 34.73
CA LEU A 279 -6.33 -11.56 34.46
C LEU A 279 -7.21 -12.55 35.22
N ALA A 280 -6.71 -13.76 35.43
CA ALA A 280 -7.43 -14.75 36.28
C ALA A 280 -7.57 -14.25 37.74
N GLU A 281 -6.47 -13.75 38.30
CA GLU A 281 -6.44 -13.14 39.63
C GLU A 281 -7.41 -11.99 39.75
N MET A 282 -7.35 -11.05 38.81
CA MET A 282 -8.27 -9.92 38.86
C MET A 282 -9.72 -10.38 38.86
N MET A 283 -10.08 -11.32 37.98
CA MET A 283 -11.48 -11.73 37.89
C MET A 283 -11.93 -12.50 39.13
N LYS A 284 -10.99 -13.19 39.76
CA LYS A 284 -11.28 -13.80 41.04
C LYS A 284 -11.71 -12.71 42.09
N LYS A 285 -10.91 -11.68 42.27
CA LYS A 285 -11.23 -10.60 43.21
C LYS A 285 -12.47 -9.82 42.84
N ARG A 286 -12.82 -9.73 41.57
CA ARG A 286 -14.07 -9.11 41.17
C ARG A 286 -15.23 -10.04 41.35
N ARG A 287 -14.96 -11.31 41.66
CA ARG A 287 -16.02 -12.30 41.74
C ARG A 287 -16.65 -12.50 40.37
N GLY A 288 -15.81 -12.40 39.34
CA GLY A 288 -16.25 -12.62 37.96
C GLY A 288 -15.50 -13.82 37.41
N GLU A 289 -15.31 -13.84 36.10
CA GLU A 289 -14.81 -15.02 35.46
C GLU A 289 -13.99 -14.62 34.23
N VAL A 290 -12.84 -15.25 34.05
CA VAL A 290 -12.02 -15.06 32.87
C VAL A 290 -12.05 -16.31 31.99
N PHE A 291 -11.97 -16.10 30.68
CA PHE A 291 -12.00 -17.14 29.67
C PHE A 291 -10.89 -16.90 28.67
N TYR A 292 -10.18 -17.95 28.32
CA TYR A 292 -9.19 -17.92 27.25
C TYR A 292 -8.99 -19.29 26.64
N ALA A 293 -8.36 -19.37 25.50
CA ALA A 293 -8.20 -20.66 24.84
C ALA A 293 -6.96 -21.34 25.31
N ARG A 294 -6.84 -22.63 25.03
CA ARG A 294 -5.57 -23.33 25.18
C ARG A 294 -4.52 -22.57 24.41
N PRO A 295 -3.29 -22.55 24.91
CA PRO A 295 -2.24 -21.75 24.22
C PRO A 295 -2.20 -21.91 22.69
N GLU A 296 -2.27 -23.13 22.18
CA GLU A 296 -2.16 -23.31 20.71
C GLU A 296 -3.33 -22.72 19.92
N PHE A 297 -4.45 -22.39 20.58
CA PHE A 297 -5.56 -21.71 19.93
C PHE A 297 -5.60 -20.21 20.12
N CYS A 298 -4.63 -19.67 20.83
CA CYS A 298 -4.54 -18.19 20.97
C CYS A 298 -3.95 -17.59 19.71
N THR A 299 -2.88 -18.21 19.21
CA THR A 299 -2.30 -17.84 17.93
C THR A 299 -3.12 -18.44 16.80
N ASP A 300 -2.85 -18.04 15.57
CA ASP A 300 -3.55 -18.55 14.39
C ASP A 300 -3.73 -20.04 14.36
N ASN A 301 -4.86 -20.46 13.85
CA ASN A 301 -5.16 -21.88 13.75
C ASN A 301 -6.45 -21.92 12.95
N GLY A 302 -6.78 -23.09 12.44
CA GLY A 302 -8.00 -23.28 11.71
C GLY A 302 -9.16 -23.66 12.60
N ALA A 303 -8.88 -24.09 13.81
CA ALA A 303 -9.96 -24.53 14.67
C ALA A 303 -10.88 -23.35 14.88
N MET A 304 -10.32 -22.19 15.14
CA MET A 304 -11.15 -21.02 15.41
C MET A 304 -11.97 -20.60 14.22
N ILE A 305 -11.48 -20.90 13.02
CA ILE A 305 -12.23 -20.55 11.80
C ILE A 305 -13.36 -21.55 11.49
N ALA A 306 -13.18 -22.81 11.85
CA ALA A 306 -14.22 -23.79 11.68
C ALA A 306 -15.37 -23.53 12.67
N TYR A 307 -15.02 -23.14 13.89
CA TYR A 307 -16.03 -22.77 14.88
C TYR A 307 -16.80 -21.50 14.49
N ALA A 308 -16.06 -20.44 14.20
CA ALA A 308 -16.67 -19.15 13.83
C ALA A 308 -17.43 -19.20 12.52
N GLY A 309 -17.06 -20.10 11.63
CA GLY A 309 -17.81 -20.33 10.39
C GLY A 309 -19.14 -21.02 10.67
N MET A 310 -19.08 -21.97 11.58
CA MET A 310 -20.27 -22.63 12.10
C MET A 310 -21.25 -21.60 12.66
N VAL A 311 -20.75 -20.70 13.50
CA VAL A 311 -21.57 -19.64 14.09
C VAL A 311 -22.09 -18.67 13.02
N ARG A 312 -21.24 -18.28 12.09
CA ARG A 312 -21.68 -17.36 11.03
C ARG A 312 -22.71 -18.00 10.12
N PHE A 313 -22.61 -19.31 9.93
CA PHE A 313 -23.56 -20.01 9.10
C PHE A 313 -24.94 -20.05 9.78
N LYS A 314 -24.93 -20.32 11.07
CA LYS A 314 -26.18 -20.40 11.80
C LYS A 314 -26.84 -19.02 11.87
N ALA A 315 -26.04 -17.97 11.74
CA ALA A 315 -26.55 -16.59 11.72
C ALA A 315 -26.88 -16.13 10.30
N GLY A 316 -26.73 -16.99 9.31
CA GLY A 316 -27.20 -16.66 7.97
C GLY A 316 -26.21 -16.02 7.00
N ALA A 317 -24.93 -16.08 7.30
CA ALA A 317 -23.93 -15.37 6.48
C ALA A 317 -23.28 -16.36 5.54
N THR A 318 -23.72 -16.38 4.29
CA THR A 318 -23.20 -17.30 3.30
C THR A 318 -22.68 -16.46 2.14
N ALA A 319 -21.86 -17.07 1.28
CA ALA A 319 -21.32 -16.39 0.13
C ALA A 319 -21.98 -16.83 -1.17
N ASP A 320 -22.16 -15.89 -2.08
CA ASP A 320 -22.45 -16.22 -3.46
C ASP A 320 -21.18 -16.72 -4.17
N LEU A 321 -21.30 -17.03 -5.45
CA LEU A 321 -20.22 -17.67 -6.21
C LEU A 321 -19.00 -16.81 -6.36
N GLY A 322 -19.21 -15.51 -6.40
CA GLY A 322 -18.12 -14.56 -6.43
C GLY A 322 -17.27 -14.74 -5.21
N VAL A 323 -15.97 -14.60 -5.38
CA VAL A 323 -15.05 -14.66 -4.26
C VAL A 323 -14.45 -13.28 -4.06
N SER A 324 -14.50 -12.80 -2.83
CA SER A 324 -13.82 -11.55 -2.47
C SER A 324 -13.16 -11.68 -1.11
N VAL A 325 -11.98 -11.10 -0.98
CA VAL A 325 -11.29 -11.02 0.27
C VAL A 325 -11.24 -9.56 0.66
N ARG A 326 -11.07 -9.27 1.95
CA ARG A 326 -10.94 -7.91 2.46
C ARG A 326 -9.75 -7.83 3.37
N PRO A 327 -8.61 -7.36 2.85
CA PRO A 327 -7.38 -7.23 3.61
C PRO A 327 -7.52 -6.41 4.85
N ARG A 328 -8.30 -5.33 4.76
CA ARG A 328 -8.63 -4.49 5.91
C ARG A 328 -10.12 -4.62 6.07
N TRP A 329 -10.55 -4.97 7.25
CA TRP A 329 -11.96 -5.33 7.44
C TRP A 329 -12.26 -5.16 8.90
N PRO A 330 -12.96 -4.08 9.25
CA PRO A 330 -13.15 -3.74 10.67
C PRO A 330 -14.12 -4.70 11.30
N LEU A 331 -13.83 -5.10 12.53
CA LEU A 331 -14.73 -5.99 13.25
C LEU A 331 -15.87 -5.22 13.89
N ALA A 332 -15.53 -4.16 14.61
CA ALA A 332 -16.51 -3.37 15.36
C ALA A 332 -16.12 -1.88 15.33
N MET B 1 27.60 4.50 -6.02
CA MET B 1 26.73 5.50 -5.37
C MET B 1 25.28 5.11 -5.37
N ARG B 2 24.58 5.49 -4.31
CA ARG B 2 23.15 5.24 -4.18
C ARG B 2 22.43 6.54 -3.85
N VAL B 3 21.30 6.75 -4.50
CA VAL B 3 20.48 7.91 -4.24
C VAL B 3 19.07 7.45 -3.82
N LEU B 4 18.56 8.01 -2.73
CA LEU B 4 17.16 7.86 -2.34
C LEU B 4 16.31 8.94 -3.00
N GLY B 5 15.30 8.54 -3.75
CA GLY B 5 14.47 9.50 -4.47
C GLY B 5 13.07 9.52 -3.92
N ILE B 6 12.48 10.71 -3.90
CA ILE B 6 11.18 10.96 -3.25
C ILE B 6 10.31 11.75 -4.18
N GLU B 7 9.13 11.22 -4.48
CA GLU B 7 8.24 11.85 -5.44
C GLU B 7 6.85 12.05 -4.79
N THR B 8 6.50 13.30 -4.56
CA THR B 8 5.22 13.68 -4.00
C THR B 8 4.57 14.85 -4.76
N SER B 9 4.78 14.93 -6.05
CA SER B 9 4.27 16.02 -6.83
C SER B 9 2.76 16.20 -6.94
N CYS B 10 2.00 15.13 -7.11
CA CYS B 10 0.57 15.26 -7.22
C CYS B 10 -0.21 14.30 -6.37
N ASP B 11 -0.48 13.13 -6.90
CA ASP B 11 -1.33 12.17 -6.23
C ASP B 11 -0.74 10.80 -6.06
N GLU B 12 0.55 10.69 -6.22
CA GLU B 12 1.24 9.47 -5.97
C GLU B 12 2.38 9.75 -5.05
N THR B 13 2.60 8.94 -4.06
CA THR B 13 3.80 8.98 -3.29
C THR B 13 4.70 7.90 -3.84
N GLY B 14 5.91 8.27 -4.26
CA GLY B 14 6.86 7.30 -4.74
C GLY B 14 8.21 7.46 -4.10
N ILE B 15 8.83 6.33 -3.79
CA ILE B 15 10.12 6.31 -3.13
C ILE B 15 10.95 5.22 -3.82
N ALA B 16 12.16 5.56 -4.24
CA ALA B 16 13.03 4.56 -4.87
C ALA B 16 14.46 4.79 -4.45
N ILE B 17 15.29 3.74 -4.60
CA ILE B 17 16.72 3.85 -4.38
C ILE B 17 17.41 3.38 -5.64
N TYR B 18 18.27 4.23 -6.20
CA TYR B 18 18.99 3.93 -7.42
C TYR B 18 20.46 3.83 -7.13
N ASP B 19 21.05 2.71 -7.53
CA ASP B 19 22.45 2.44 -7.35
C ASP B 19 23.03 2.61 -8.74
N ASP B 20 24.16 3.29 -8.90
CA ASP B 20 24.65 3.50 -10.28
C ASP B 20 25.55 2.37 -10.77
N GLU B 21 25.70 1.33 -9.94
CA GLU B 21 26.35 0.13 -10.39
C GLU B 21 25.30 -0.97 -10.62
N LYS B 22 24.46 -1.23 -9.61
CA LYS B 22 23.51 -2.32 -9.66
C LYS B 22 22.12 -1.90 -10.11
N GLY B 23 21.92 -0.62 -10.33
CA GLY B 23 20.60 -0.13 -10.71
C GLY B 23 19.62 -0.02 -9.56
N LEU B 24 18.35 -0.16 -9.87
CA LEU B 24 17.28 0.13 -8.96
C LEU B 24 17.17 -0.88 -7.82
N LEU B 25 17.37 -0.46 -6.59
CA LEU B 25 17.41 -1.41 -5.48
C LEU B 25 16.09 -1.46 -4.72
N ALA B 26 15.27 -0.43 -4.90
CA ALA B 26 13.98 -0.37 -4.26
C ALA B 26 13.09 0.58 -5.04
N ASN B 27 11.81 0.28 -5.05
CA ASN B 27 10.83 1.10 -5.69
C ASN B 27 9.52 0.85 -4.95
N GLN B 28 9.01 1.86 -4.26
CA GLN B 28 7.80 1.76 -3.46
C GLN B 28 6.84 2.78 -4.02
N LEU B 29 5.56 2.45 -4.05
CA LEU B 29 4.59 3.38 -4.61
C LEU B 29 3.25 3.26 -3.93
N TYR B 30 2.65 4.41 -3.63
CA TYR B 30 1.28 4.47 -3.21
C TYR B 30 0.52 5.44 -4.06
N SER B 31 -0.54 4.96 -4.66
CA SER B 31 -1.36 5.80 -5.52
C SER B 31 -2.63 6.21 -4.79
N GLN B 32 -3.06 7.45 -4.95
CA GLN B 32 -4.22 7.96 -4.24
C GLN B 32 -5.49 7.92 -5.09
N VAL B 33 -5.57 7.02 -6.06
CA VAL B 33 -6.73 7.00 -6.97
C VAL B 33 -8.06 6.78 -6.25
N LYS B 34 -8.03 6.15 -5.09
CA LYS B 34 -9.25 5.91 -4.31
C LYS B 34 -9.74 7.18 -3.62
N LEU B 35 -8.80 7.93 -3.03
CA LEU B 35 -9.16 9.17 -2.38
C LEU B 35 -9.83 10.12 -3.34
N HIS B 36 -9.39 10.11 -4.61
CA HIS B 36 -9.80 11.15 -5.56
C HIS B 36 -10.85 10.73 -6.58
N ALA B 37 -10.97 9.43 -6.84
CA ALA B 37 -12.02 8.93 -7.74
C ALA B 37 -13.36 9.54 -7.36
N ASP B 38 -13.68 9.47 -6.06
CA ASP B 38 -14.92 10.02 -5.53
C ASP B 38 -15.20 11.43 -6.05
N TYR B 39 -14.15 12.24 -6.18
CA TYR B 39 -14.30 13.65 -6.47
C TYR B 39 -14.12 14.04 -7.94
N GLY B 40 -13.64 13.11 -8.76
CA GLY B 40 -13.47 13.38 -10.19
C GLY B 40 -12.24 14.22 -10.49
N GLY B 41 -11.43 14.44 -9.47
CA GLY B 41 -10.20 15.19 -9.62
C GLY B 41 -9.37 15.11 -8.37
N VAL B 42 -8.18 15.68 -8.41
CA VAL B 42 -7.31 15.69 -7.24
C VAL B 42 -7.68 16.84 -6.30
N VAL B 43 -8.18 16.51 -5.11
CA VAL B 43 -8.41 17.52 -4.09
C VAL B 43 -7.09 17.80 -3.41
N PRO B 44 -6.52 19.01 -3.65
CA PRO B 44 -5.17 19.32 -3.17
C PRO B 44 -4.99 19.11 -1.65
N GLU B 45 -5.95 19.55 -0.86
CA GLU B 45 -5.80 19.43 0.60
C GLU B 45 -5.72 17.96 1.01
N LEU B 46 -6.47 17.11 0.33
CA LEU B 46 -6.48 15.68 0.65
C LEU B 46 -5.19 15.03 0.19
N ALA B 47 -4.73 15.40 -0.99
CA ALA B 47 -3.51 14.84 -1.53
C ALA B 47 -2.40 15.12 -0.55
N SER B 48 -2.41 16.33 0.00
CA SER B 48 -1.35 16.76 0.89
C SER B 48 -1.40 15.94 2.17
N ARG B 49 -2.59 15.70 2.72
CA ARG B 49 -2.75 14.90 3.94
C ARG B 49 -2.31 13.46 3.75
N ASP B 50 -2.52 12.90 2.57
CA ASP B 50 -2.20 11.50 2.33
C ASP B 50 -0.71 11.29 2.12
N HIS B 51 -0.03 12.28 1.54
CA HIS B 51 1.43 12.21 1.39
C HIS B 51 2.11 12.14 2.76
N VAL B 52 1.59 12.89 3.73
CA VAL B 52 2.11 12.83 5.09
C VAL B 52 1.96 11.44 5.67
N ARG B 53 0.83 10.81 5.39
CA ARG B 53 0.57 9.47 5.88
C ARG B 53 1.54 8.48 5.26
N LYS B 54 1.97 8.71 4.03
CA LYS B 54 2.69 7.65 3.28
C LYS B 54 4.18 7.85 3.11
N THR B 55 4.66 9.07 3.21
CA THR B 55 6.04 9.31 2.80
C THR B 55 7.04 8.56 3.66
N VAL B 56 6.94 8.74 4.97
CA VAL B 56 7.90 8.12 5.86
C VAL B 56 7.86 6.59 5.83
N PRO B 57 6.66 5.99 5.92
CA PRO B 57 6.57 4.53 5.86
C PRO B 57 7.08 3.92 4.55
N LEU B 58 6.84 4.58 3.43
CA LEU B 58 7.40 4.11 2.19
C LEU B 58 8.91 4.23 2.18
N ILE B 59 9.47 5.24 2.87
CA ILE B 59 10.93 5.34 2.93
C ILE B 59 11.47 4.17 3.71
N GLN B 60 10.86 3.90 4.85
CA GLN B 60 11.29 2.79 5.69
C GLN B 60 11.16 1.46 4.94
N ALA B 61 10.07 1.25 4.21
CA ALA B 61 9.93 0.04 3.42
C ALA B 61 11.00 -0.03 2.30
N ALA B 62 11.32 1.10 1.68
CA ALA B 62 12.37 1.13 0.66
C ALA B 62 13.71 0.67 1.21
N LEU B 63 14.13 1.21 2.35
CA LEU B 63 15.38 0.76 2.96
C LEU B 63 15.36 -0.72 3.31
N LYS B 64 14.23 -1.16 3.87
CA LYS B 64 14.05 -2.55 4.20
C LYS B 64 14.12 -3.41 2.95
N GLU B 65 13.38 -3.01 1.91
CA GLU B 65 13.35 -3.76 0.67
C GLU B 65 14.78 -3.90 0.14
N SER B 66 15.57 -2.84 0.26
CA SER B 66 16.90 -2.88 -0.34
C SER B 66 17.97 -3.53 0.57
N GLY B 67 17.65 -3.76 1.82
CA GLY B 67 18.60 -4.29 2.78
C GLY B 67 19.69 -3.28 3.15
N LEU B 68 19.42 -2.00 2.92
CA LEU B 68 20.40 -0.95 3.17
C LEU B 68 20.05 -0.21 4.43
N THR B 69 21.03 0.51 4.95
CA THR B 69 20.82 1.42 6.10
C THR B 69 21.28 2.81 5.72
N ALA B 70 21.09 3.75 6.63
CA ALA B 70 21.43 5.17 6.39
C ALA B 70 22.82 5.36 5.76
N LYS B 71 23.82 4.68 6.29
CA LYS B 71 25.20 4.87 5.83
C LYS B 71 25.36 4.52 4.35
N ASP B 72 24.42 3.74 3.81
CA ASP B 72 24.52 3.28 2.43
C ASP B 72 24.02 4.31 1.40
N ILE B 73 23.43 5.40 1.86
CA ILE B 73 22.85 6.38 0.96
C ILE B 73 23.75 7.59 0.82
N ASP B 74 24.01 7.99 -0.43
CA ASP B 74 24.91 9.10 -0.72
C ASP B 74 24.20 10.44 -0.89
N ALA B 75 22.92 10.40 -1.28
CA ALA B 75 22.14 11.61 -1.46
C ALA B 75 20.66 11.34 -1.41
N VAL B 76 19.91 12.39 -1.10
CA VAL B 76 18.49 12.38 -1.11
C VAL B 76 17.99 13.33 -2.20
N ALA B 77 17.27 12.79 -3.17
CA ALA B 77 16.58 13.59 -4.16
C ALA B 77 15.08 13.67 -3.87
N TYR B 78 14.49 14.81 -4.16
CA TYR B 78 13.08 14.99 -4.02
C TYR B 78 12.57 15.90 -5.09
N THR B 79 11.35 15.67 -5.53
CA THR B 79 10.70 16.51 -6.51
C THR B 79 10.39 17.86 -5.94
N ALA B 80 10.90 18.92 -6.57
CA ALA B 80 10.66 20.28 -6.09
C ALA B 80 9.65 21.02 -6.94
N GLY B 81 9.23 20.39 -8.03
CA GLY B 81 8.33 21.01 -8.98
C GLY B 81 8.51 20.48 -10.37
N PRO B 82 7.55 20.75 -11.26
CA PRO B 82 6.28 21.39 -10.97
C PRO B 82 5.28 20.45 -10.31
N GLY B 83 4.12 20.97 -9.95
CA GLY B 83 3.07 20.20 -9.32
C GLY B 83 2.28 20.98 -8.31
N LEU B 84 1.47 20.30 -7.50
CA LEU B 84 0.72 20.97 -6.46
C LEU B 84 1.65 21.40 -5.36
N GLU B 85 1.57 22.68 -4.99
CA GLU B 85 2.46 23.22 -3.95
C GLU B 85 2.38 22.42 -2.64
N GLY B 86 1.17 22.08 -2.25
CA GLY B 86 0.93 21.42 -0.99
C GLY B 86 1.45 20.01 -0.96
N ALA B 87 1.49 19.35 -2.11
CA ALA B 87 1.95 17.95 -2.15
C ALA B 87 3.46 17.97 -2.24
N LEU B 88 4.00 18.81 -3.10
CA LEU B 88 5.45 19.02 -3.21
C LEU B 88 6.13 19.33 -1.87
N LEU B 89 5.52 20.19 -1.08
CA LEU B 89 6.06 20.55 0.21
C LEU B 89 6.32 19.34 1.11
N VAL B 90 5.47 18.33 1.05
CA VAL B 90 5.62 17.16 1.93
C VAL B 90 6.91 16.44 1.62
N GLY B 91 7.11 16.11 0.35
CA GLY B 91 8.30 15.42 -0.07
C GLY B 91 9.55 16.25 0.14
N ALA B 92 9.45 17.53 -0.09
CA ALA B 92 10.64 18.39 0.03
C ALA B 92 11.05 18.64 1.48
N THR B 93 10.08 18.80 2.40
CA THR B 93 10.44 18.93 3.83
C THR B 93 11.01 17.65 4.44
N VAL B 94 10.32 16.53 4.25
CA VAL B 94 10.86 15.25 4.70
C VAL B 94 12.25 15.02 4.07
N GLY B 95 12.32 15.18 2.75
CA GLY B 95 13.58 14.90 2.04
C GLY B 95 14.73 15.82 2.47
N ARG B 96 14.51 17.13 2.45
CA ARG B 96 15.51 18.07 2.87
C ARG B 96 15.95 17.85 4.31
N SER B 97 14.98 17.70 5.22
CA SER B 97 15.38 17.46 6.62
C SER B 97 16.03 16.09 6.84
N LEU B 98 15.65 15.10 6.07
CA LEU B 98 16.31 13.76 6.16
C LEU B 98 17.78 13.89 5.72
N ALA B 99 18.02 14.59 4.59
CA ALA B 99 19.41 14.79 4.09
C ALA B 99 20.26 15.54 5.12
N PHE B 100 19.67 16.53 5.78
CA PHE B 100 20.35 17.23 6.83
C PHE B 100 20.74 16.30 7.98
N ALA B 101 19.81 15.46 8.42
CA ALA B 101 20.07 14.52 9.51
C ALA B 101 21.07 13.44 9.14
N TRP B 102 20.97 12.90 7.93
CA TRP B 102 21.95 11.89 7.48
C TRP B 102 23.26 12.59 7.09
N ASP B 103 23.22 13.91 7.07
CA ASP B 103 24.36 14.69 6.69
C ASP B 103 24.85 14.34 5.27
N VAL B 104 23.93 14.20 4.32
CA VAL B 104 24.28 13.99 2.93
C VAL B 104 23.61 15.05 2.11
N PRO B 105 24.08 15.26 0.86
CA PRO B 105 23.53 16.24 -0.07
C PRO B 105 22.06 16.01 -0.40
N ALA B 106 21.35 17.11 -0.60
CA ALA B 106 19.95 17.11 -0.94
C ALA B 106 19.82 17.60 -2.39
N ILE B 107 19.08 16.86 -3.23
CA ILE B 107 19.02 17.16 -4.66
C ILE B 107 17.60 17.42 -5.10
N PRO B 108 17.26 18.69 -5.36
CA PRO B 108 15.94 19.01 -5.90
C PRO B 108 15.81 18.58 -7.34
N VAL B 109 14.71 17.95 -7.70
CA VAL B 109 14.53 17.40 -9.05
C VAL B 109 13.30 18.02 -9.73
N HIS B 110 13.47 18.41 -10.97
CA HIS B 110 12.37 18.84 -11.81
C HIS B 110 11.58 17.60 -12.19
N HIS B 111 10.28 17.60 -11.91
CA HIS B 111 9.42 16.46 -12.18
C HIS B 111 9.41 15.99 -13.68
N MET B 112 9.35 16.93 -14.61
CA MET B 112 9.33 16.60 -16.05
C MET B 112 10.68 16.12 -16.56
N GLU B 113 11.77 16.60 -15.99
CA GLU B 113 13.07 16.00 -16.28
C GLU B 113 13.10 14.56 -15.74
N GLY B 114 12.39 14.31 -14.65
CA GLY B 114 12.24 12.93 -14.17
C GLY B 114 11.64 12.02 -15.24
N HIS B 115 10.49 12.39 -15.78
CA HIS B 115 9.87 11.65 -16.87
C HIS B 115 10.79 11.44 -18.05
N LEU B 116 11.58 12.46 -18.36
CA LEU B 116 12.35 12.49 -19.60
C LEU B 116 13.53 11.55 -19.49
N LEU B 117 13.97 11.29 -18.26
CA LEU B 117 15.11 10.43 -18.04
C LEU B 117 14.73 8.99 -17.68
N ALA B 118 13.45 8.71 -17.53
CA ALA B 118 12.99 7.38 -17.15
C ALA B 118 13.39 6.28 -18.13
N PRO B 119 13.46 6.58 -19.44
CA PRO B 119 14.00 5.59 -20.37
C PRO B 119 15.45 5.16 -20.09
N MET B 120 16.18 5.96 -19.33
CA MET B 120 17.57 5.62 -19.04
C MET B 120 17.64 4.49 -18.04
N LEU B 121 16.49 4.08 -17.49
CA LEU B 121 16.44 3.01 -16.50
C LEU B 121 16.39 1.64 -17.17
N GLU B 122 16.10 1.59 -18.45
CA GLU B 122 16.06 0.32 -19.17
C GLU B 122 17.40 0.06 -19.87
N ASP B 123 17.56 -1.15 -20.40
CA ASP B 123 18.75 -1.51 -21.20
C ASP B 123 18.82 -0.59 -22.41
N ASN B 124 20.04 -0.33 -22.87
CA ASN B 124 20.25 0.39 -24.12
C ASN B 124 19.52 1.74 -24.17
N PRO B 125 19.87 2.65 -23.25
CA PRO B 125 19.28 3.98 -23.23
C PRO B 125 19.78 4.82 -24.42
N PRO B 126 19.10 5.92 -24.73
CA PRO B 126 19.49 6.72 -25.90
C PRO B 126 20.69 7.62 -25.65
N GLU B 127 21.42 7.94 -26.72
CA GLU B 127 22.48 8.95 -26.67
C GLU B 127 21.91 10.29 -27.11
N PHE B 128 22.59 11.36 -26.74
CA PHE B 128 22.23 12.67 -27.26
C PHE B 128 22.74 12.76 -28.69
N PRO B 129 22.00 13.47 -29.56
CA PRO B 129 20.73 14.13 -29.26
C PRO B 129 19.52 13.26 -29.62
N PHE B 130 18.35 13.71 -29.19
CA PHE B 130 17.12 13.08 -29.52
C PHE B 130 15.97 14.04 -29.37
N VAL B 131 14.86 13.75 -30.04
CA VAL B 131 13.62 14.46 -29.83
C VAL B 131 12.81 13.72 -28.76
N ALA B 132 12.31 14.46 -27.79
CA ALA B 132 11.52 13.89 -26.72
C ALA B 132 10.08 14.28 -26.82
N LEU B 133 9.19 13.29 -26.85
CA LEU B 133 7.78 13.55 -26.71
C LEU B 133 7.37 13.36 -25.23
N LEU B 134 7.03 14.45 -24.56
CA LEU B 134 6.50 14.39 -23.20
C LEU B 134 5.00 14.48 -23.28
N VAL B 135 4.32 13.37 -23.00
CA VAL B 135 2.88 13.31 -23.01
C VAL B 135 2.39 12.76 -21.69
N SER B 136 1.91 13.65 -20.84
CA SER B 136 1.42 13.25 -19.52
C SER B 136 0.05 13.84 -19.22
N GLY B 137 -0.27 13.91 -17.93
CA GLY B 137 -1.57 14.39 -17.49
C GLY B 137 -1.72 15.87 -17.79
N GLY B 138 -0.70 16.65 -17.42
CA GLY B 138 -0.74 18.07 -17.59
C GLY B 138 0.26 18.63 -18.59
N HIS B 139 1.04 17.77 -19.23
CA HIS B 139 2.06 18.25 -20.18
C HIS B 139 2.01 17.50 -21.51
N THR B 140 2.25 18.23 -22.60
CA THR B 140 2.31 17.63 -23.93
C THR B 140 3.28 18.45 -24.76
N GLN B 141 4.54 18.01 -24.82
CA GLN B 141 5.58 18.83 -25.40
C GLN B 141 6.54 18.07 -26.31
N LEU B 142 7.00 18.77 -27.35
CA LEU B 142 8.05 18.26 -28.20
C LEU B 142 9.29 19.01 -27.83
N ILE B 143 10.33 18.29 -27.49
CA ILE B 143 11.56 18.88 -27.03
C ILE B 143 12.77 18.34 -27.77
N SER B 144 13.65 19.24 -28.16
CA SER B 144 14.92 18.86 -28.72
C SER B 144 15.93 18.81 -27.59
N VAL B 145 16.29 17.59 -27.19
CA VAL B 145 17.25 17.36 -26.14
C VAL B 145 18.60 17.11 -26.75
N THR B 146 19.59 17.89 -26.35
CA THR B 146 20.92 17.81 -26.91
C THR B 146 21.95 17.57 -25.83
N GLY B 147 21.47 17.23 -24.62
CA GLY B 147 22.36 16.97 -23.47
C GLY B 147 21.66 17.24 -22.14
N ILE B 148 22.26 16.77 -21.05
CA ILE B 148 21.67 16.94 -19.71
C ILE B 148 21.47 18.41 -19.38
N GLY B 149 20.21 18.84 -19.34
CA GLY B 149 19.88 20.23 -19.06
C GLY B 149 19.73 21.08 -20.31
N GLN B 150 19.87 20.45 -21.47
CA GLN B 150 19.78 21.17 -22.74
C GLN B 150 18.49 20.86 -23.45
N TYR B 151 17.46 21.66 -23.20
CA TYR B 151 16.13 21.38 -23.72
C TYR B 151 15.57 22.58 -24.47
N GLU B 152 15.00 22.34 -25.63
CA GLU B 152 14.46 23.42 -26.45
C GLU B 152 13.06 23.06 -26.83
N LEU B 153 12.10 23.82 -26.31
CA LEU B 153 10.71 23.54 -26.64
C LEU B 153 10.58 23.65 -28.15
N LEU B 154 9.73 22.82 -28.74
CA LEU B 154 9.54 22.83 -30.17
C LEU B 154 8.06 22.91 -30.44
N GLY B 155 7.29 22.20 -29.61
CA GLY B 155 5.85 22.13 -29.74
C GLY B 155 5.27 22.06 -28.37
N GLU B 156 3.99 22.42 -28.26
CA GLU B 156 3.29 22.37 -26.97
C GLU B 156 1.82 22.50 -27.25
N SER B 157 1.00 22.07 -26.32
CA SER B 157 -0.41 22.20 -26.47
C SER B 157 -0.87 23.63 -26.27
N ILE B 158 -1.89 24.01 -27.01
CA ILE B 158 -2.54 25.31 -26.89
C ILE B 158 -3.87 25.16 -26.18
N ASP B 159 -4.03 24.05 -25.52
CA ASP B 159 -5.15 23.87 -24.68
C ASP B 159 -4.89 22.79 -23.66
N ASP B 160 -5.42 21.62 -23.90
CA ASP B 160 -5.35 20.57 -22.93
C ASP B 160 -4.23 19.62 -23.30
N ALA B 161 -3.73 18.86 -22.32
CA ALA B 161 -2.67 17.87 -22.57
C ALA B 161 -3.30 16.60 -23.12
N ALA B 162 -2.50 15.76 -23.77
CA ALA B 162 -3.01 14.50 -24.31
C ALA B 162 -3.68 13.62 -23.25
N GLY B 163 -3.04 13.49 -22.09
CA GLY B 163 -3.62 12.75 -20.99
C GLY B 163 -4.97 13.28 -20.57
N GLU B 164 -5.06 14.59 -20.39
CA GLU B 164 -6.34 15.23 -20.05
C GLU B 164 -7.41 14.83 -21.06
N ALA B 165 -7.02 14.84 -22.34
CA ALA B 165 -7.96 14.46 -23.41
C ALA B 165 -8.41 13.04 -23.24
N PHE B 166 -7.50 12.17 -22.83
CA PHE B 166 -7.92 10.79 -22.54
C PHE B 166 -8.86 10.79 -21.32
N ASP B 167 -8.45 11.48 -20.27
CA ASP B 167 -9.25 11.55 -19.05
C ASP B 167 -10.63 12.15 -19.29
N LYS B 168 -10.65 13.36 -19.84
CA LYS B 168 -11.91 14.03 -20.19
C LYS B 168 -12.82 13.15 -21.03
N THR B 169 -12.28 12.63 -22.14
CA THR B 169 -13.06 11.77 -23.03
C THR B 169 -13.49 10.50 -22.34
N ALA B 170 -12.63 9.95 -21.49
CA ALA B 170 -12.97 8.71 -20.81
C ALA B 170 -14.16 8.94 -19.88
N LYS B 171 -14.20 10.12 -19.29
CA LYS B 171 -15.28 10.49 -18.37
C LYS B 171 -16.63 10.40 -19.06
N LEU B 172 -16.75 11.04 -20.23
CA LEU B 172 -17.99 11.00 -21.04
C LEU B 172 -18.37 9.60 -21.42
N LEU B 173 -17.40 8.72 -21.63
CA LEU B 173 -17.72 7.31 -21.88
C LEU B 173 -18.08 6.63 -20.56
N GLY B 174 -18.24 7.46 -19.52
CA GLY B 174 -18.65 6.99 -18.20
C GLY B 174 -17.60 6.21 -17.42
N LEU B 175 -16.32 6.55 -17.59
CA LEU B 175 -15.23 5.79 -16.98
C LEU B 175 -14.64 6.47 -15.75
N ASP B 176 -14.16 5.68 -14.82
CA ASP B 176 -13.61 6.21 -13.55
C ASP B 176 -12.33 7.03 -13.75
N TYR B 177 -12.25 8.14 -13.02
CA TYR B 177 -11.11 9.04 -13.08
C TYR B 177 -9.89 8.49 -12.32
N PRO B 178 -8.71 8.54 -12.96
CA PRO B 178 -8.53 8.97 -14.35
C PRO B 178 -8.69 7.77 -15.28
N GLY B 179 -9.45 7.93 -16.34
CA GLY B 179 -9.78 6.83 -17.26
C GLY B 179 -8.98 6.77 -18.53
N GLY B 180 -7.75 7.25 -18.51
CA GLY B 180 -6.86 7.10 -19.66
C GLY B 180 -6.62 5.64 -20.02
N PRO B 181 -6.02 4.85 -19.12
CA PRO B 181 -5.78 3.43 -19.38
C PRO B 181 -7.02 2.67 -19.78
N LEU B 182 -8.11 2.84 -19.03
CA LEU B 182 -9.39 2.13 -19.27
C LEU B 182 -10.01 2.42 -20.64
N LEU B 183 -9.82 3.63 -21.13
CA LEU B 183 -10.30 4.04 -22.45
C LEU B 183 -9.55 3.24 -23.51
N SER B 184 -8.31 2.90 -23.18
CA SER B 184 -7.45 2.14 -24.08
C SER B 184 -7.92 0.70 -24.17
N LYS B 185 -8.22 0.08 -23.03
CA LYS B 185 -8.71 -1.30 -23.03
C LYS B 185 -10.01 -1.40 -23.83
N MET B 186 -10.87 -0.41 -23.64
CA MET B 186 -12.15 -0.36 -24.32
C MET B 186 -11.93 -0.18 -25.84
N ALA B 187 -10.93 0.61 -26.19
CA ALA B 187 -10.66 0.93 -27.60
C ALA B 187 -10.05 -0.25 -28.38
N ALA B 188 -9.60 -1.29 -27.67
CA ALA B 188 -8.97 -2.44 -28.30
C ALA B 188 -10.02 -3.36 -28.85
N GLN B 189 -11.13 -3.49 -28.12
CA GLN B 189 -12.23 -4.38 -28.50
C GLN B 189 -13.14 -3.74 -29.56
N GLY B 190 -12.87 -2.50 -29.93
CA GLY B 190 -13.63 -1.81 -30.95
C GLY B 190 -13.22 -2.20 -32.36
N THR B 191 -13.83 -1.54 -33.34
CA THR B 191 -13.57 -1.81 -34.74
C THR B 191 -13.06 -0.57 -35.45
N ALA B 192 -11.92 -0.72 -36.12
CA ALA B 192 -11.25 0.39 -36.78
C ALA B 192 -12.15 1.08 -37.78
N GLY B 193 -11.70 2.24 -38.25
CA GLY B 193 -12.38 2.96 -39.33
C GLY B 193 -13.72 3.61 -39.03
N ARG B 194 -14.58 2.89 -38.28
CA ARG B 194 -15.99 3.27 -38.08
C ARG B 194 -16.27 4.71 -37.60
N PHE B 195 -15.25 5.46 -37.20
CA PHE B 195 -15.38 6.91 -36.93
C PHE B 195 -14.03 7.55 -37.21
N VAL B 196 -14.01 8.79 -37.70
CA VAL B 196 -12.71 9.40 -38.04
C VAL B 196 -12.57 10.84 -37.53
N PHE B 197 -12.43 10.97 -36.21
CA PHE B 197 -12.28 12.28 -35.59
C PHE B 197 -11.06 12.95 -36.22
N PRO B 198 -11.04 14.28 -36.24
CA PRO B 198 -9.95 14.96 -36.93
C PRO B 198 -8.58 14.47 -36.47
N ARG B 199 -7.54 15.11 -36.97
CA ARG B 199 -6.19 15.00 -36.43
C ARG B 199 -5.76 16.44 -36.18
N PRO B 200 -6.24 17.01 -35.09
CA PRO B 200 -6.05 18.43 -34.78
C PRO B 200 -4.64 18.96 -35.03
N MET B 201 -4.55 20.10 -35.69
CA MET B 201 -3.29 20.77 -36.01
C MET B 201 -2.46 20.07 -37.11
N THR B 202 -2.95 18.95 -37.63
CA THR B 202 -2.22 18.22 -38.68
C THR B 202 -2.56 18.72 -40.10
N ASP B 203 -3.38 19.76 -40.20
CA ASP B 203 -3.79 20.28 -41.51
C ASP B 203 -2.72 21.21 -42.10
N ARG B 204 -1.86 21.77 -41.26
CA ARG B 204 -0.78 22.64 -41.72
C ARG B 204 0.49 22.38 -40.91
N PRO B 205 1.64 22.88 -41.39
CA PRO B 205 2.91 22.73 -40.66
C PRO B 205 2.82 23.15 -39.20
N GLY B 206 3.98 23.23 -38.54
CA GLY B 206 4.02 23.55 -37.11
C GLY B 206 3.83 22.31 -36.24
N LEU B 207 4.23 22.42 -34.98
CA LEU B 207 4.29 21.28 -34.08
C LEU B 207 3.31 21.35 -32.88
N ASP B 208 2.42 22.32 -32.87
CA ASP B 208 1.59 22.55 -31.67
C ASP B 208 0.33 21.68 -31.60
N PHE B 209 -0.17 21.44 -30.40
CA PHE B 209 -1.26 20.50 -30.20
C PHE B 209 -2.54 21.15 -29.68
N SER B 210 -3.66 20.45 -29.84
CA SER B 210 -4.91 20.87 -29.26
C SER B 210 -5.90 19.73 -29.41
N PHE B 211 -6.58 19.38 -28.33
CA PHE B 211 -7.43 18.20 -28.36
C PHE B 211 -8.94 18.47 -28.18
N SER B 212 -9.30 19.75 -27.97
CA SER B 212 -10.72 20.11 -27.84
C SER B 212 -11.53 19.53 -29.00
N GLY B 213 -11.06 19.76 -30.21
CA GLY B 213 -11.81 19.31 -31.38
C GLY B 213 -12.08 17.82 -31.32
N LEU B 214 -11.09 17.05 -30.89
CA LEU B 214 -11.26 15.61 -30.73
C LEU B 214 -12.22 15.32 -29.54
N LYS B 215 -11.94 15.95 -28.40
CA LYS B 215 -12.84 15.87 -27.24
C LYS B 215 -14.28 16.24 -27.65
N THR B 216 -14.42 17.43 -28.23
CA THR B 216 -15.69 17.93 -28.76
C THR B 216 -16.31 16.92 -29.72
N PHE B 217 -15.58 16.60 -30.78
CA PHE B 217 -16.05 15.65 -31.81
C PHE B 217 -16.42 14.32 -31.20
N ALA B 218 -15.75 13.98 -30.11
CA ALA B 218 -16.03 12.71 -29.43
C ALA B 218 -17.37 12.80 -28.73
N ALA B 219 -17.58 13.89 -28.00
CA ALA B 219 -18.81 14.10 -27.26
C ALA B 219 -19.99 13.93 -28.19
N ASN B 220 -20.03 14.75 -29.24
CA ASN B 220 -21.10 14.68 -30.24
C ASN B 220 -21.33 13.26 -30.75
N THR B 221 -20.25 12.51 -30.96
CA THR B 221 -20.38 11.15 -31.43
C THR B 221 -21.09 10.26 -30.42
N ILE B 222 -20.69 10.38 -29.15
CA ILE B 222 -21.31 9.59 -28.07
C ILE B 222 -22.75 10.02 -27.88
N ARG B 223 -23.09 11.21 -28.37
CA ARG B 223 -24.46 11.73 -28.35
C ARG B 223 -25.26 11.18 -29.53
N ASP B 224 -24.86 11.58 -30.73
CA ASP B 224 -25.55 11.22 -31.97
C ASP B 224 -25.76 9.72 -32.13
N ASN B 225 -24.74 8.94 -31.79
CA ASN B 225 -24.81 7.49 -31.98
C ASN B 225 -25.26 6.80 -30.70
N GLY B 226 -25.20 5.48 -30.69
CA GLY B 226 -25.88 4.68 -29.66
C GLY B 226 -25.35 4.74 -28.24
N THR B 227 -25.77 3.76 -27.45
CA THR B 227 -25.32 3.62 -26.07
C THR B 227 -24.97 2.15 -25.80
N ASP B 228 -24.58 1.44 -26.85
CA ASP B 228 -24.21 0.04 -26.76
C ASP B 228 -22.71 -0.10 -26.57
N ASP B 229 -22.27 -1.19 -25.95
CA ASP B 229 -20.85 -1.44 -25.72
C ASP B 229 -20.03 -1.18 -26.99
N GLN B 230 -20.44 -1.79 -28.09
CA GLN B 230 -19.71 -1.66 -29.36
C GLN B 230 -19.58 -0.20 -29.79
N THR B 231 -20.68 0.54 -29.80
CA THR B 231 -20.62 1.95 -30.25
C THR B 231 -19.66 2.76 -29.38
N ARG B 232 -19.52 2.34 -28.11
CA ARG B 232 -18.63 3.04 -27.16
C ARG B 232 -17.16 2.66 -27.42
N ALA B 233 -16.90 1.36 -27.48
CA ALA B 233 -15.57 0.86 -27.82
C ALA B 233 -15.10 1.49 -29.13
N ASP B 234 -15.97 1.45 -30.13
CA ASP B 234 -15.63 1.94 -31.47
C ASP B 234 -15.37 3.44 -31.47
N ILE B 235 -15.93 4.14 -30.49
CA ILE B 235 -15.66 5.58 -30.35
C ILE B 235 -14.30 5.79 -29.65
N ALA B 236 -14.01 4.91 -28.70
CA ALA B 236 -12.75 4.96 -27.95
C ALA B 236 -11.57 4.66 -28.89
N ARG B 237 -11.77 3.69 -29.78
CA ARG B 237 -10.75 3.39 -30.78
C ARG B 237 -10.55 4.56 -31.72
N ALA B 238 -11.66 5.13 -32.15
CA ALA B 238 -11.58 6.30 -33.03
C ALA B 238 -10.84 7.44 -32.35
N PHE B 239 -11.08 7.60 -31.06
CA PHE B 239 -10.38 8.65 -30.29
C PHE B 239 -8.91 8.28 -30.09
N GLU B 240 -8.66 7.04 -29.70
CA GLU B 240 -7.28 6.59 -29.50
C GLU B 240 -6.47 6.68 -30.79
N ASP B 241 -6.91 5.95 -31.82
CA ASP B 241 -6.26 6.02 -33.15
C ASP B 241 -6.00 7.44 -33.57
N ALA B 242 -6.96 8.30 -33.27
CA ALA B 242 -6.89 9.72 -33.64
C ALA B 242 -5.83 10.50 -32.88
N VAL B 243 -5.72 10.29 -31.56
CA VAL B 243 -4.65 10.96 -30.78
C VAL B 243 -3.28 10.39 -31.16
N VAL B 244 -3.23 9.08 -31.38
CA VAL B 244 -1.96 8.42 -31.73
C VAL B 244 -1.41 8.91 -33.06
N ASP B 245 -2.22 8.90 -34.10
CA ASP B 245 -1.76 9.38 -35.40
C ASP B 245 -1.35 10.85 -35.30
N THR B 246 -2.04 11.61 -34.46
CA THR B 246 -1.67 13.02 -34.24
C THR B 246 -0.29 13.16 -33.62
N LEU B 247 -0.02 12.41 -32.55
CA LEU B 247 1.29 12.52 -31.87
C LEU B 247 2.38 12.02 -32.78
N MET B 248 2.04 10.99 -33.54
CA MET B 248 3.00 10.39 -34.49
C MET B 248 3.40 11.38 -35.58
N ILE B 249 2.40 11.99 -36.22
CA ILE B 249 2.66 13.00 -37.26
C ILE B 249 3.51 14.13 -36.72
N LYS B 250 3.11 14.66 -35.57
CA LYS B 250 3.87 15.74 -34.94
C LYS B 250 5.29 15.31 -34.56
N CYS B 251 5.45 14.04 -34.20
CA CYS B 251 6.78 13.51 -33.90
C CYS B 251 7.58 13.43 -35.19
N LYS B 252 6.94 12.93 -36.24
CA LYS B 252 7.57 12.87 -37.57
C LYS B 252 8.14 14.20 -37.98
N ARG B 253 7.30 15.24 -37.92
CA ARG B 253 7.72 16.59 -38.31
C ARG B 253 8.85 17.12 -37.43
N ALA B 254 8.77 16.86 -36.13
CA ALA B 254 9.86 17.24 -35.23
C ALA B 254 11.16 16.55 -35.58
N LEU B 255 11.06 15.30 -36.01
CA LEU B 255 12.27 14.57 -36.45
C LEU B 255 12.82 15.12 -37.77
N ASP B 256 11.92 15.46 -38.71
CA ASP B 256 12.33 16.12 -39.97
C ASP B 256 13.01 17.42 -39.69
N GLN B 257 12.39 18.26 -38.88
CA GLN B 257 12.95 19.59 -38.56
C GLN B 257 14.27 19.54 -37.83
N THR B 258 14.47 18.53 -36.99
CA THR B 258 15.71 18.44 -36.22
C THR B 258 16.78 17.64 -36.94
N GLY B 259 16.35 16.66 -37.73
CA GLY B 259 17.28 15.76 -38.41
C GLY B 259 17.80 14.65 -37.52
N PHE B 260 17.24 14.53 -36.30
CA PHE B 260 17.69 13.52 -35.35
C PHE B 260 17.17 12.15 -35.71
N LYS B 261 17.86 11.11 -35.25
CA LYS B 261 17.41 9.74 -35.51
C LYS B 261 16.89 8.98 -34.25
N ARG B 262 16.82 9.67 -33.10
CA ARG B 262 16.28 9.07 -31.90
C ARG B 262 15.02 9.78 -31.42
N LEU B 263 14.01 9.01 -31.05
CA LEU B 263 12.79 9.54 -30.50
C LEU B 263 12.57 8.93 -29.13
N VAL B 264 12.50 9.79 -28.12
CA VAL B 264 12.29 9.37 -26.75
C VAL B 264 10.88 9.73 -26.34
N MET B 265 10.16 8.74 -25.83
CA MET B 265 8.79 8.90 -25.43
C MET B 265 8.79 8.88 -23.90
N ALA B 266 8.01 9.78 -23.28
CA ALA B 266 7.95 9.84 -21.83
C ALA B 266 6.63 10.47 -21.37
N GLY B 267 6.27 10.20 -20.11
CA GLY B 267 5.01 10.64 -19.54
C GLY B 267 4.01 9.52 -19.53
N GLY B 268 3.00 9.65 -18.69
CA GLY B 268 2.03 8.61 -18.51
C GLY B 268 1.38 8.10 -19.80
N VAL B 269 1.09 9.01 -20.72
CA VAL B 269 0.46 8.58 -21.97
C VAL B 269 1.40 7.69 -22.81
N SER B 270 2.71 7.81 -22.57
CA SER B 270 3.67 7.01 -23.30
C SER B 270 3.60 5.52 -22.93
N ALA B 271 2.71 5.18 -22.01
CA ALA B 271 2.44 3.77 -21.69
C ALA B 271 1.44 3.19 -22.68
N ASN B 272 0.75 4.06 -23.40
CA ASN B 272 -0.26 3.63 -24.33
C ASN B 272 0.35 2.65 -25.35
N ARG B 273 -0.27 1.50 -25.47
CA ARG B 273 0.30 0.42 -26.28
C ARG B 273 0.18 0.67 -27.77
N THR B 274 -0.92 1.27 -28.20
CA THR B 274 -1.09 1.69 -29.60
C THR B 274 -0.03 2.70 -29.96
N LEU B 275 0.30 3.58 -29.03
CA LEU B 275 1.23 4.65 -29.30
C LEU B 275 2.66 4.13 -29.38
N ARG B 276 3.02 3.24 -28.47
CA ARG B 276 4.35 2.60 -28.50
C ARG B 276 4.58 1.86 -29.81
N ALA B 277 3.60 1.06 -30.22
CA ALA B 277 3.70 0.31 -31.48
C ALA B 277 3.88 1.26 -32.65
N LYS B 278 2.97 2.22 -32.77
CA LYS B 278 3.00 3.18 -33.91
C LYS B 278 4.30 3.96 -33.99
N LEU B 279 4.83 4.43 -32.85
CA LEU B 279 6.10 5.15 -32.88
C LEU B 279 7.27 4.22 -33.18
N ALA B 280 7.17 2.96 -32.73
CA ALA B 280 8.25 1.98 -33.00
C ALA B 280 8.28 1.68 -34.50
N GLU B 281 7.11 1.48 -35.07
CA GLU B 281 6.95 1.22 -36.50
C GLU B 281 7.48 2.39 -37.32
N MET B 282 7.12 3.60 -36.95
CA MET B 282 7.62 4.78 -37.67
C MET B 282 9.14 4.88 -37.63
N MET B 283 9.73 4.67 -36.47
CA MET B 283 11.17 4.82 -36.36
C MET B 283 11.88 3.72 -37.14
N LYS B 284 11.23 2.57 -37.28
CA LYS B 284 11.80 1.50 -38.10
C LYS B 284 11.88 1.98 -39.57
N LYS B 285 10.76 2.44 -40.12
CA LYS B 285 10.75 2.96 -41.48
C LYS B 285 11.80 4.06 -41.66
N ARG B 286 11.92 4.95 -40.68
CA ARG B 286 12.87 6.06 -40.80
C ARG B 286 14.30 5.62 -40.57
N ARG B 287 14.48 4.35 -40.27
CA ARG B 287 15.79 3.80 -39.93
C ARG B 287 16.39 4.52 -38.74
N GLY B 288 15.53 5.00 -37.84
CA GLY B 288 15.98 5.54 -36.57
C GLY B 288 15.67 4.58 -35.44
N GLU B 289 15.50 5.12 -34.23
CA GLU B 289 15.25 4.31 -33.05
C GLU B 289 14.32 5.03 -32.09
N VAL B 290 13.41 4.31 -31.47
CA VAL B 290 12.55 4.84 -30.44
C VAL B 290 12.98 4.32 -29.07
N PHE B 291 12.79 5.14 -28.04
CA PHE B 291 13.09 4.78 -26.65
C PHE B 291 11.92 5.13 -25.74
N TYR B 292 11.65 4.22 -24.79
CA TYR B 292 10.58 4.40 -23.84
C TYR B 292 10.86 3.58 -22.59
N ALA B 293 10.13 3.82 -21.52
CA ALA B 293 10.36 3.09 -20.31
C ALA B 293 9.33 2.00 -20.19
N ARG B 294 9.59 1.04 -19.33
CA ARG B 294 8.59 0.05 -18.98
C ARG B 294 7.33 0.79 -18.61
N PRO B 295 6.16 0.19 -18.84
CA PRO B 295 4.90 0.88 -18.60
C PRO B 295 4.73 1.51 -17.25
N GLU B 296 5.33 0.93 -16.21
CA GLU B 296 5.09 1.43 -14.85
C GLU B 296 5.94 2.67 -14.50
N PHE B 297 7.01 2.93 -15.27
CA PHE B 297 7.82 4.14 -15.08
C PHE B 297 7.42 5.29 -15.99
N CYS B 298 6.41 5.09 -16.80
CA CYS B 298 5.87 6.17 -17.64
C CYS B 298 5.00 7.12 -16.80
N THR B 299 4.14 6.56 -15.96
CA THR B 299 3.36 7.36 -15.01
C THR B 299 4.23 7.75 -13.80
N ASP B 300 3.75 8.71 -13.01
CA ASP B 300 4.43 9.15 -11.79
C ASP B 300 4.99 8.02 -10.98
N ASN B 301 6.26 8.11 -10.61
CA ASN B 301 6.90 7.05 -9.82
C ASN B 301 8.18 7.60 -9.21
N GLY B 302 8.72 6.89 -8.24
CA GLY B 302 9.86 7.42 -7.51
C GLY B 302 11.17 7.07 -8.19
N ALA B 303 11.21 5.99 -8.96
CA ALA B 303 12.43 5.52 -9.58
C ALA B 303 13.05 6.60 -10.47
N MET B 304 12.22 7.28 -11.23
CA MET B 304 12.69 8.29 -12.17
C MET B 304 13.28 9.49 -11.41
N ILE B 305 12.82 9.72 -10.20
CA ILE B 305 13.36 10.79 -9.35
C ILE B 305 14.68 10.40 -8.71
N ALA B 306 14.81 9.14 -8.31
CA ALA B 306 16.07 8.67 -7.77
C ALA B 306 17.12 8.71 -8.87
N TYR B 307 16.73 8.37 -10.09
CA TYR B 307 17.66 8.38 -11.21
C TYR B 307 18.08 9.78 -11.57
N ALA B 308 17.09 10.66 -11.75
CA ALA B 308 17.34 12.04 -12.13
C ALA B 308 18.04 12.80 -11.01
N GLY B 309 17.79 12.38 -9.77
CA GLY B 309 18.58 12.87 -8.67
C GLY B 309 20.05 12.51 -8.83
N MET B 310 20.31 11.27 -9.16
CA MET B 310 21.68 10.81 -9.37
C MET B 310 22.39 11.61 -10.47
N VAL B 311 21.69 11.85 -11.58
CA VAL B 311 22.24 12.64 -12.68
C VAL B 311 22.49 14.11 -12.28
N ARG B 312 21.52 14.73 -11.59
CA ARG B 312 21.69 16.09 -11.17
C ARG B 312 22.83 16.24 -10.16
N PHE B 313 22.96 15.27 -9.28
CA PHE B 313 24.02 15.29 -8.29
C PHE B 313 25.41 15.24 -8.94
N LYS B 314 25.59 14.33 -9.88
CA LYS B 314 26.81 14.25 -10.68
C LYS B 314 27.06 15.52 -11.47
N ALA B 315 26.00 16.21 -11.87
CA ALA B 315 26.14 17.54 -12.50
C ALA B 315 26.26 18.69 -11.49
N GLY B 316 26.33 18.39 -10.21
CA GLY B 316 26.59 19.44 -9.22
C GLY B 316 25.38 20.26 -8.77
N ALA B 317 24.16 19.77 -8.97
CA ALA B 317 22.96 20.49 -8.53
C ALA B 317 22.47 20.11 -7.11
N THR B 318 23.05 20.70 -6.07
CA THR B 318 22.65 20.41 -4.69
C THR B 318 21.88 21.59 -4.07
N ALA B 319 21.24 21.35 -2.94
CA ALA B 319 20.40 22.39 -2.30
C ALA B 319 21.02 22.86 -1.00
N ASP B 320 20.86 24.14 -0.66
CA ASP B 320 21.23 24.60 0.68
C ASP B 320 20.07 24.32 1.67
N LEU B 321 20.21 24.80 2.91
CA LEU B 321 19.28 24.44 3.99
C LEU B 321 17.86 24.92 3.81
N GLY B 322 17.68 25.91 2.93
CA GLY B 322 16.38 26.44 2.59
C GLY B 322 15.63 25.53 1.63
N VAL B 323 14.43 25.11 2.03
CA VAL B 323 13.58 24.29 1.18
C VAL B 323 12.80 25.24 0.32
N SER B 324 12.62 24.89 -0.95
CA SER B 324 11.80 25.72 -1.83
C SER B 324 11.20 24.88 -2.94
N VAL B 325 9.87 24.86 -3.00
CA VAL B 325 9.18 24.20 -4.07
C VAL B 325 8.78 25.23 -5.12
N ARG B 326 8.60 24.78 -6.36
CA ARG B 326 8.19 25.66 -7.45
C ARG B 326 7.07 24.98 -8.21
N PRO B 327 5.81 25.31 -7.90
CA PRO B 327 4.64 24.70 -8.52
C PRO B 327 4.59 24.90 -10.04
N ARG B 328 5.16 26.01 -10.51
CA ARG B 328 5.25 26.29 -11.96
C ARG B 328 6.71 26.52 -12.28
N TRP B 329 7.29 25.57 -13.00
CA TRP B 329 8.75 25.52 -13.16
C TRP B 329 8.98 24.99 -14.54
N PRO B 330 9.28 25.89 -15.49
CA PRO B 330 9.37 25.50 -16.89
C PRO B 330 10.62 24.68 -17.16
N LEU B 331 10.47 23.64 -17.95
CA LEU B 331 11.57 22.71 -18.19
C LEU B 331 12.79 23.41 -18.79
N ALA B 332 12.56 24.37 -19.68
CA ALA B 332 13.65 25.03 -20.41
C ALA B 332 14.40 26.06 -19.56
N GLU B 333 13.85 26.39 -18.38
CA GLU B 333 14.54 27.27 -17.44
C GLU B 333 15.53 26.51 -16.52
N LEU B 334 15.82 25.26 -16.86
CA LEU B 334 16.81 24.48 -16.11
C LEU B 334 18.21 24.65 -16.72
N PRO B 335 19.26 24.56 -15.88
CA PRO B 335 20.68 24.71 -16.25
C PRO B 335 21.34 23.44 -16.80
N ALA B 336 22.50 23.61 -17.42
CA ALA B 336 23.29 22.51 -17.95
C ALA B 336 23.70 21.51 -16.86
N MET C 1 19.28 15.50 30.06
CA MET C 1 18.22 15.32 29.05
C MET C 1 18.31 16.42 27.99
N ARG C 2 18.22 16.03 26.72
CA ARG C 2 18.14 17.01 25.65
C ARG C 2 16.94 16.82 24.77
N ILE C 3 16.14 17.88 24.63
CA ILE C 3 14.93 17.88 23.83
C ILE C 3 15.00 19.00 22.82
N LEU C 4 14.81 18.67 21.56
CA LEU C 4 14.71 19.68 20.50
C LEU C 4 13.26 19.86 20.09
N ALA C 5 12.78 21.09 20.11
CA ALA C 5 11.41 21.42 19.72
C ALA C 5 11.38 22.30 18.48
N ILE C 6 10.51 21.99 17.53
CA ILE C 6 10.26 22.92 16.46
C ILE C 6 8.77 23.18 16.23
N ASP C 7 8.43 24.40 15.88
CA ASP C 7 7.05 24.73 15.55
C ASP C 7 6.88 25.69 14.36
N THR C 8 5.97 25.35 13.46
CA THR C 8 5.67 26.16 12.28
C THR C 8 4.18 26.22 11.99
N ALA C 9 3.36 25.86 12.99
CA ALA C 9 1.92 25.73 12.80
C ALA C 9 1.12 27.03 12.52
N THR C 10 1.69 28.16 12.92
CA THR C 10 1.07 29.45 12.74
C THR C 10 2.07 30.33 12.01
N GLU C 11 1.88 31.65 12.04
CA GLU C 11 2.77 32.52 11.26
C GLU C 11 4.17 32.57 11.85
N ALA C 12 4.30 32.21 13.12
CA ALA C 12 5.59 32.10 13.76
C ALA C 12 6.25 30.82 13.36
N CYS C 13 7.58 30.85 13.32
CA CYS C 13 8.32 29.63 13.30
C CYS C 13 9.41 29.74 14.33
N SER C 14 9.58 28.71 15.13
CA SER C 14 10.52 28.75 16.21
C SER C 14 11.14 27.40 16.46
N VAL C 15 12.27 27.40 17.14
CA VAL C 15 12.84 26.15 17.60
C VAL C 15 13.53 26.42 18.90
N ALA C 16 13.66 25.39 19.70
CA ALA C 16 14.23 25.58 21.02
C ALA C 16 14.87 24.29 21.44
N LEU C 17 15.97 24.42 22.15
CA LEU C 17 16.63 23.27 22.68
C LEU C 17 16.69 23.37 24.19
N TRP C 18 16.17 22.35 24.86
CA TRP C 18 16.38 22.17 26.25
C TRP C 18 17.64 21.33 26.36
N ASN C 19 18.66 21.93 26.95
CA ASN C 19 20.00 21.36 26.88
C ASN C 19 20.46 21.10 28.29
N ASP C 20 19.82 20.15 28.96
CA ASP C 20 20.30 19.69 30.25
C ASP C 20 20.53 20.86 31.18
N GLY C 21 19.49 21.66 31.37
CA GLY C 21 19.50 22.74 32.35
C GLY C 21 19.33 24.14 31.78
N THR C 22 19.45 24.30 30.47
CA THR C 22 19.30 25.64 29.87
C THR C 22 18.54 25.56 28.56
N VAL C 23 17.95 26.69 28.21
CA VAL C 23 17.13 26.83 27.02
C VAL C 23 17.81 27.73 26.00
N ASN C 24 18.12 27.17 24.85
CA ASN C 24 18.62 27.94 23.72
C ASN C 24 17.50 28.00 22.68
N ALA C 25 16.98 29.18 22.39
CA ALA C 25 15.72 29.34 21.64
C ALA C 25 15.73 30.45 20.63
N HIS C 26 14.99 30.27 19.54
CA HIS C 26 14.84 31.27 18.49
C HIS C 26 13.36 31.38 18.18
N PHE C 27 12.91 32.60 17.93
CA PHE C 27 11.54 32.84 17.58
C PHE C 27 11.51 33.96 16.56
N GLU C 28 10.79 33.75 15.47
CA GLU C 28 10.51 34.84 14.55
C GLU C 28 9.26 34.61 13.76
N LEU C 29 8.71 35.69 13.23
CA LEU C 29 7.57 35.62 12.32
C LEU C 29 8.15 35.38 10.95
N CYS C 30 7.80 34.27 10.32
CA CYS C 30 8.20 34.04 8.94
C CYS C 30 6.98 33.61 8.13
N PRO C 31 6.17 34.58 7.69
CA PRO C 31 5.03 34.32 6.79
C PRO C 31 5.53 34.11 5.36
N ARG C 32 5.09 33.06 4.70
CA ARG C 32 5.52 32.76 3.33
C ARG C 32 7.03 32.40 3.28
N GLU C 33 7.72 32.50 4.40
CA GLU C 33 9.14 32.22 4.48
C GLU C 33 9.47 30.96 5.31
N HIS C 34 8.45 30.25 5.78
CA HIS C 34 8.64 29.12 6.72
C HIS C 34 9.73 28.13 6.29
N THR C 35 9.57 27.60 5.09
CA THR C 35 10.43 26.54 4.61
C THR C 35 11.83 27.04 4.35
N GLN C 36 12.00 28.37 4.38
CA GLN C 36 13.34 28.93 4.09
C GLN C 36 14.15 29.13 5.35
N ARG C 37 13.47 29.38 6.45
CA ARG C 37 14.16 29.72 7.72
C ARG C 37 14.33 28.53 8.68
N ILE C 38 13.45 27.54 8.59
CA ILE C 38 13.34 26.52 9.64
C ILE C 38 14.62 25.67 9.85
N LEU C 39 15.22 25.16 8.79
CA LEU C 39 16.41 24.31 8.98
C LEU C 39 17.65 25.09 9.38
N PRO C 40 17.84 26.29 8.82
CA PRO C 40 18.89 27.17 9.34
C PRO C 40 18.70 27.50 10.84
N MET C 41 17.47 27.73 11.29
CA MET C 41 17.27 27.94 12.73
C MET C 41 17.68 26.70 13.51
N VAL C 42 17.29 25.52 13.01
CA VAL C 42 17.68 24.27 13.67
C VAL C 42 19.19 24.15 13.74
N GLN C 43 19.86 24.36 12.61
CA GLN C 43 21.31 24.29 12.59
C GLN C 43 21.96 25.30 13.52
N ASP C 44 21.43 26.51 13.55
CA ASP C 44 21.99 27.53 14.41
C ASP C 44 21.91 27.13 15.90
N ILE C 45 20.74 26.69 16.35
CA ILE C 45 20.59 26.20 17.71
C ILE C 45 21.56 25.10 18.09
N LEU C 46 21.65 24.07 17.27
CA LEU C 46 22.54 22.95 17.55
C LEU C 46 24.00 23.40 17.65
N THR C 47 24.43 24.28 16.75
CA THR C 47 25.85 24.58 16.74
C THR C 47 26.21 25.50 17.91
N THR C 48 25.38 26.50 18.18
CA THR C 48 25.67 27.36 19.33
C THR C 48 25.54 26.61 20.69
N SER C 49 24.74 25.56 20.77
CA SER C 49 24.69 24.71 21.97
C SER C 49 25.76 23.67 21.91
N GLY C 50 26.41 23.56 20.77
CA GLY C 50 27.45 22.54 20.59
C GLY C 50 26.87 21.17 20.79
N THR C 51 25.66 20.97 20.28
CA THR C 51 24.99 19.67 20.37
C THR C 51 24.84 19.10 18.98
N SER C 52 24.79 17.79 18.92
CA SER C 52 24.55 17.11 17.68
C SER C 52 23.13 16.56 17.73
N LEU C 53 22.51 16.49 16.58
CA LEU C 53 21.20 15.87 16.44
C LEU C 53 21.21 14.47 17.06
N THR C 54 22.29 13.73 16.90
CA THR C 54 22.40 12.39 17.49
C THR C 54 22.48 12.38 19.02
N ASP C 55 22.79 13.51 19.62
CA ASP C 55 22.90 13.59 21.08
C ASP C 55 21.59 14.02 21.71
N ILE C 56 20.54 14.10 20.92
CA ILE C 56 19.23 14.53 21.40
C ILE C 56 18.34 13.33 21.76
N ASN C 57 17.62 13.47 22.87
CA ASN C 57 16.81 12.38 23.41
C ASN C 57 15.44 12.29 22.74
N ALA C 58 14.89 13.40 22.31
CA ALA C 58 13.60 13.41 21.66
C ALA C 58 13.42 14.67 20.87
N LEU C 59 12.59 14.57 19.83
CA LEU C 59 12.19 15.69 19.03
C LEU C 59 10.73 16.04 19.27
N ALA C 60 10.47 17.22 19.82
CA ALA C 60 9.09 17.68 20.02
C ALA C 60 8.67 18.48 18.80
N TYR C 61 7.43 18.31 18.36
CA TYR C 61 6.97 19.05 17.19
C TYR C 61 5.61 19.61 17.51
N GLY C 62 5.29 20.75 16.90
CA GLY C 62 3.97 21.33 17.03
C GLY C 62 3.01 20.58 16.13
N ARG C 63 2.09 19.82 16.74
CA ARG C 63 1.28 18.90 15.96
C ARG C 63 0.05 19.57 15.32
N GLY C 64 -0.25 20.78 15.72
CA GLY C 64 -1.45 21.45 15.35
C GLY C 64 -2.32 21.73 16.56
N PRO C 65 -3.46 22.40 16.33
CA PRO C 65 -3.94 22.88 15.04
C PRO C 65 -3.37 24.19 14.63
N GLY C 66 -3.71 24.61 13.42
CA GLY C 66 -3.20 25.86 12.88
C GLY C 66 -3.36 25.91 11.39
N SER C 67 -2.44 26.58 10.71
CA SER C 67 -2.35 26.51 9.24
C SER C 67 -2.08 25.05 8.79
N PHE C 68 -2.87 24.54 7.86
CA PHE C 68 -2.70 23.16 7.36
C PHE C 68 -1.31 23.01 6.79
N THR C 69 -0.90 23.99 6.00
CA THR C 69 0.41 23.98 5.39
C THR C 69 1.48 24.05 6.46
N GLY C 70 1.32 25.01 7.37
CA GLY C 70 2.25 25.18 8.46
C GLY C 70 2.40 23.94 9.31
N VAL C 71 1.28 23.35 9.70
CA VAL C 71 1.30 22.10 10.44
C VAL C 71 2.10 21.00 9.72
N ARG C 72 1.93 20.91 8.41
CA ARG C 72 2.60 19.83 7.65
C ARG C 72 4.08 20.08 7.51
N ILE C 73 4.46 21.34 7.34
CA ILE C 73 5.88 21.68 7.29
C ILE C 73 6.55 21.23 8.61
N GLY C 74 5.94 21.58 9.72
CA GLY C 74 6.51 21.27 11.02
C GLY C 74 6.70 19.78 11.16
N ILE C 75 5.65 19.02 10.86
CA ILE C 75 5.72 17.58 10.98
C ILE C 75 6.66 16.96 9.94
N GLY C 76 6.67 17.49 8.72
CA GLY C 76 7.60 17.01 7.72
C GLY C 76 9.06 17.18 8.13
N ILE C 77 9.40 18.37 8.62
CA ILE C 77 10.74 18.64 9.06
C ILE C 77 11.12 17.72 10.21
N ALA C 78 10.21 17.62 11.19
CA ALA C 78 10.46 16.83 12.41
C ALA C 78 10.63 15.36 12.07
N GLN C 79 9.77 14.85 11.19
CA GLN C 79 9.87 13.47 10.71
C GLN C 79 11.20 13.14 10.04
N GLY C 80 11.68 14.04 9.15
CA GLY C 80 12.94 13.81 8.49
C GLY C 80 14.08 13.80 9.47
N LEU C 81 14.15 14.84 10.30
CA LEU C 81 15.14 14.87 11.40
C LEU C 81 15.06 13.60 12.23
N ALA C 82 13.85 13.19 12.62
CA ALA C 82 13.71 12.06 13.53
C ALA C 82 13.98 10.71 12.84
N LEU C 83 13.48 10.55 11.63
CA LEU C 83 13.83 9.37 10.86
C LEU C 83 15.33 9.32 10.71
N GLY C 84 15.91 10.46 10.35
CA GLY C 84 17.36 10.52 10.03
C GLY C 84 18.27 10.30 11.22
N ALA C 85 17.86 10.80 12.39
CA ALA C 85 18.69 10.68 13.59
C ALA C 85 18.18 9.59 14.53
N GLU C 86 17.12 8.90 14.12
CA GLU C 86 16.53 7.82 14.92
C GLU C 86 16.05 8.30 16.27
N LEU C 87 15.27 9.37 16.27
CA LEU C 87 14.77 9.98 17.48
C LEU C 87 13.28 9.70 17.67
N PRO C 88 12.89 9.41 18.92
CA PRO C 88 11.48 9.38 19.27
C PRO C 88 10.91 10.78 19.15
N MET C 89 9.62 10.91 18.90
CA MET C 89 9.00 12.18 18.70
C MET C 89 7.89 12.42 19.70
N ILE C 90 7.67 13.69 20.04
CA ILE C 90 6.63 14.12 20.97
C ILE C 90 5.80 15.24 20.34
N GLY C 91 4.52 14.98 20.13
CA GLY C 91 3.63 15.93 19.52
C GLY C 91 3.04 16.85 20.59
N VAL C 92 3.09 18.14 20.39
CA VAL C 92 2.59 19.08 21.37
C VAL C 92 1.51 19.97 20.75
N SER C 93 0.37 20.08 21.43
CA SER C 93 -0.69 20.93 20.98
C SER C 93 -0.23 22.37 20.91
N THR C 94 -0.56 23.04 19.80
CA THR C 94 -0.30 24.47 19.69
C THR C 94 -1.14 25.30 20.70
N LEU C 95 -2.31 24.81 21.07
CA LEU C 95 -3.17 25.53 21.96
C LEU C 95 -2.58 25.43 23.35
N MET C 96 -2.03 24.28 23.71
CA MET C 96 -1.45 24.07 25.05
C MET C 96 -0.15 24.81 25.21
N THR C 97 0.63 24.84 24.11
CA THR C 97 1.87 25.57 24.08
C THR C 97 1.62 27.02 24.47
N MET C 98 0.59 27.62 23.92
CA MET C 98 0.27 29.02 24.27
C MET C 98 -0.16 29.14 25.74
N ALA C 99 -0.81 28.13 26.28
CA ALA C 99 -1.17 28.15 27.70
C ALA C 99 0.09 28.18 28.55
N GLN C 100 1.02 27.28 28.26
CA GLN C 100 2.33 27.27 28.93
C GLN C 100 3.00 28.66 28.87
N GLY C 101 2.91 29.33 27.72
CA GLY C 101 3.50 30.63 27.52
C GLY C 101 2.87 31.67 28.45
N ALA C 102 1.56 31.62 28.61
CA ALA C 102 0.89 32.54 29.49
C ALA C 102 1.41 32.28 30.91
N TRP C 103 1.49 31.01 31.32
CA TRP C 103 2.07 30.69 32.61
C TRP C 103 3.47 31.27 32.74
N ARG C 104 4.30 31.10 31.70
CA ARG C 104 5.67 31.60 31.78
C ARG C 104 5.70 33.10 31.95
N LYS C 105 4.85 33.81 31.20
CA LYS C 105 4.92 35.26 31.16
C LYS C 105 4.31 35.95 32.39
N ASN C 106 3.22 35.40 32.93
CA ASN C 106 2.45 36.10 33.94
C ASN C 106 1.79 35.21 34.97
N GLY C 107 2.11 33.93 34.97
CA GLY C 107 1.62 33.00 35.99
C GLY C 107 0.19 32.49 35.83
N ALA C 108 -0.40 32.71 34.66
CA ALA C 108 -1.76 32.25 34.43
C ALA C 108 -1.85 30.74 34.58
N THR C 109 -2.92 30.27 35.17
CA THR C 109 -3.09 28.85 35.37
C THR C 109 -4.40 28.35 34.78
N ARG C 110 -5.26 29.29 34.33
CA ARG C 110 -6.48 28.94 33.61
C ARG C 110 -6.54 29.75 32.30
N VAL C 111 -6.52 29.05 31.17
CA VAL C 111 -6.28 29.68 29.86
C VAL C 111 -7.36 29.29 28.87
N LEU C 112 -7.96 30.31 28.24
CA LEU C 112 -8.81 30.09 27.08
C LEU C 112 -7.97 30.38 25.83
N ALA C 113 -7.64 29.34 25.07
CA ALA C 113 -6.85 29.50 23.85
C ALA C 113 -7.78 29.53 22.66
N ALA C 114 -7.59 30.50 21.78
CA ALA C 114 -8.39 30.57 20.56
C ALA C 114 -7.49 30.95 19.42
N ILE C 115 -7.50 30.16 18.36
CA ILE C 115 -6.71 30.45 17.18
C ILE C 115 -7.62 30.75 16.01
N ASP C 116 -7.33 31.81 15.27
CA ASP C 116 -8.11 32.11 14.08
C ASP C 116 -7.91 30.92 13.12
N ALA C 117 -8.99 30.21 12.81
CA ALA C 117 -8.96 29.03 11.95
C ALA C 117 -9.40 29.36 10.54
N ARG C 118 -9.87 30.20 10.16
CA ARG C 118 -10.38 30.97 9.04
C ARG C 118 -11.80 30.54 8.75
N MET C 119 -12.28 30.89 7.78
CA MET C 119 -13.66 30.45 7.55
C MET C 119 -14.61 30.84 8.68
N GLY C 120 -14.24 31.89 9.43
CA GLY C 120 -15.09 32.39 10.51
C GLY C 120 -15.09 31.53 11.76
N GLU C 121 -14.09 30.66 11.89
CA GLU C 121 -14.04 29.74 13.02
C GLU C 121 -12.76 29.89 13.81
N VAL C 122 -12.74 29.32 15.01
CA VAL C 122 -11.52 29.28 15.78
C VAL C 122 -11.22 27.88 16.29
N TYR C 123 -9.95 27.63 16.50
CA TYR C 123 -9.51 26.45 17.21
C TYR C 123 -9.51 26.85 18.67
N TRP C 124 -10.16 26.05 19.49
CA TRP C 124 -10.50 26.45 20.85
C TRP C 124 -10.04 25.41 21.83
N ALA C 125 -9.58 25.85 23.00
CA ALA C 125 -9.32 24.91 24.08
C ALA C 125 -9.39 25.63 25.43
N GLU C 126 -9.72 24.85 26.45
CA GLU C 126 -9.77 25.33 27.84
C GLU C 126 -8.72 24.57 28.62
N TYR C 127 -7.65 25.24 29.04
CA TYR C 127 -6.53 24.60 29.70
C TYR C 127 -6.37 25.11 31.13
N GLN C 128 -6.19 24.16 32.04
CA GLN C 128 -5.97 24.48 33.45
C GLN C 128 -4.80 23.69 34.02
N ARG C 129 -3.90 24.40 34.69
CA ARG C 129 -2.66 23.85 35.19
C ARG C 129 -2.81 23.39 36.66
N ASP C 130 -2.52 22.13 36.96
CA ASP C 130 -2.59 21.63 38.36
C ASP C 130 -1.35 22.03 39.15
N GLU C 131 -1.31 21.67 40.43
CA GLU C 131 -0.20 22.07 41.31
C GLU C 131 1.13 21.39 40.95
N ASN C 132 1.07 20.35 40.13
CA ASN C 132 2.26 19.69 39.64
C ASN C 132 2.76 20.28 38.32
N GLY C 133 2.01 21.20 37.75
CA GLY C 133 2.41 21.86 36.51
C GLY C 133 1.85 21.17 35.29
N ILE C 134 0.94 20.22 35.49
CA ILE C 134 0.33 19.50 34.38
C ILE C 134 -0.93 20.18 33.84
N TRP C 135 -0.97 20.40 32.53
CA TRP C 135 -2.10 21.08 31.89
C TRP C 135 -3.23 20.09 31.58
N HIS C 136 -4.43 20.42 32.02
CA HIS C 136 -5.63 19.59 31.77
C HIS C 136 -6.53 20.37 30.82
N GLY C 137 -7.29 19.63 30.00
CA GLY C 137 -8.15 20.28 29.03
C GLY C 137 -7.95 19.85 27.59
N GLU C 138 -7.06 18.94 27.36
CA GLU C 138 -6.80 18.46 25.99
C GLU C 138 -8.09 18.00 25.33
N GLU C 139 -8.94 17.34 26.08
CA GLU C 139 -10.25 16.89 25.58
C GLU C 139 -11.20 18.03 25.11
N THR C 140 -10.93 19.27 25.49
CA THR C 140 -11.80 20.39 25.07
C THR C 140 -11.45 20.94 23.67
N GLU C 141 -10.35 20.47 23.06
CA GLU C 141 -9.91 20.98 21.79
C GLU C 141 -10.92 20.82 20.65
N ALA C 142 -11.26 21.90 19.97
CA ALA C 142 -12.24 21.84 18.90
C ALA C 142 -12.17 23.04 17.96
N VAL C 143 -12.66 22.86 16.74
CA VAL C 143 -12.85 23.97 15.85
C VAL C 143 -14.31 24.40 15.94
N LEU C 144 -14.56 25.68 16.22
CA LEU C 144 -15.91 26.12 16.58
C LEU C 144 -16.28 27.45 15.97
N LYS C 145 -17.56 27.64 15.69
CA LYS C 145 -18.05 28.96 15.33
C LYS C 145 -18.06 29.79 16.62
N PRO C 146 -17.85 31.13 16.52
CA PRO C 146 -17.86 32.03 17.65
C PRO C 146 -19.16 32.01 18.46
N GLU C 147 -20.28 31.75 17.84
CA GLU C 147 -21.54 31.64 18.61
C GLU C 147 -21.48 30.40 19.50
N ILE C 148 -20.85 29.34 19.02
CA ILE C 148 -20.71 28.12 19.82
C ILE C 148 -19.70 28.37 20.95
N VAL C 149 -18.64 29.11 20.65
CA VAL C 149 -17.69 29.47 21.68
C VAL C 149 -18.38 30.26 22.78
N HIS C 150 -19.19 31.23 22.36
CA HIS C 150 -19.94 32.07 23.30
C HIS C 150 -20.79 31.19 24.23
N GLU C 151 -21.55 30.26 23.66
CA GLU C 151 -22.35 29.33 24.46
C GLU C 151 -21.49 28.53 25.42
N ARG C 152 -20.36 28.03 24.93
CA ARG C 152 -19.47 27.21 25.75
C ARG C 152 -18.93 27.99 26.92
N MET C 153 -18.55 29.25 26.71
CA MET C 153 -18.07 30.07 27.83
C MET C 153 -19.10 30.29 28.94
N GLN C 154 -20.37 30.06 28.63
CA GLN C 154 -21.43 30.25 29.64
C GLN C 154 -21.57 29.03 30.52
N GLN C 155 -20.89 27.96 30.17
CA GLN C 155 -20.83 26.79 31.00
C GLN C 155 -19.66 26.89 31.94
N LEU C 156 -18.86 27.94 31.80
CA LEU C 156 -17.62 28.06 32.56
C LEU C 156 -17.81 29.06 33.69
N SER C 157 -16.84 29.07 34.59
CA SER C 157 -16.86 30.00 35.72
C SER C 157 -15.42 30.35 36.08
N GLY C 158 -15.27 31.43 36.82
CA GLY C 158 -14.00 31.80 37.42
C GLY C 158 -13.24 32.79 36.58
N GLU C 159 -11.97 32.97 36.92
CA GLU C 159 -11.12 33.91 36.17
C GLU C 159 -10.30 33.12 35.14
N TRP C 160 -10.14 33.70 33.93
CA TRP C 160 -9.35 33.09 32.84
C TRP C 160 -8.50 34.14 32.14
N VAL C 161 -7.35 33.74 31.59
CA VAL C 161 -6.64 34.56 30.62
C VAL C 161 -6.95 34.10 29.18
N THR C 162 -6.73 34.99 28.24
CA THR C 162 -6.99 34.70 26.83
C THR C 162 -5.69 34.71 26.04
N VAL C 163 -5.49 33.70 25.18
CA VAL C 163 -4.33 33.63 24.31
C VAL C 163 -4.76 33.22 22.92
N GLY C 164 -4.07 33.71 21.91
CA GLY C 164 -4.24 33.24 20.53
C GLY C 164 -4.83 34.27 19.61
N THR C 165 -4.69 34.07 18.31
CA THR C 165 -5.15 35.05 17.32
C THR C 165 -6.67 35.11 17.21
N GLY C 166 -7.36 34.07 17.67
CA GLY C 166 -8.80 34.08 17.66
C GLY C 166 -9.43 35.26 18.42
N TRP C 167 -8.78 35.72 19.48
CA TRP C 167 -9.30 36.83 20.27
C TRP C 167 -9.02 38.18 19.60
N GLN C 168 -7.96 38.22 18.80
CA GLN C 168 -7.71 39.41 17.99
C GLN C 168 -8.71 39.57 16.85
N ALA C 169 -9.05 38.46 16.21
CA ALA C 169 -9.99 38.52 15.10
C ALA C 169 -11.38 38.74 15.65
N TRP C 170 -11.65 38.23 16.85
CA TRP C 170 -12.99 38.39 17.45
C TRP C 170 -12.89 38.85 18.89
N PRO C 171 -12.60 40.15 19.10
CA PRO C 171 -12.42 40.74 20.43
C PRO C 171 -13.67 40.71 21.24
N ASP C 172 -14.81 40.59 20.57
CA ASP C 172 -16.14 40.43 21.20
C ASP C 172 -16.42 39.02 21.71
N LEU C 173 -15.51 38.09 21.46
CA LEU C 173 -15.75 36.66 21.67
C LEU C 173 -16.20 36.28 23.09
N GLY C 174 -15.76 37.03 24.10
CA GLY C 174 -16.13 36.76 25.48
C GLY C 174 -17.36 37.52 25.95
N LYS C 175 -17.92 38.36 25.08
CA LYS C 175 -19.07 39.17 25.44
C LYS C 175 -20.16 38.34 26.10
N GLU C 176 -20.59 38.77 27.27
CA GLU C 176 -21.75 38.20 27.94
C GLU C 176 -21.49 36.75 28.32
N SER C 177 -20.24 36.46 28.68
CA SER C 177 -19.87 35.13 29.17
C SER C 177 -20.14 35.00 30.66
N GLY C 178 -20.05 36.12 31.38
CA GLY C 178 -20.11 36.09 32.82
C GLY C 178 -18.80 35.63 33.43
N LEU C 179 -17.73 35.62 32.61
CA LEU C 179 -16.41 35.28 33.10
C LEU C 179 -15.57 36.54 33.23
N VAL C 180 -14.64 36.54 34.17
CA VAL C 180 -13.64 37.59 34.23
C VAL C 180 -12.46 37.14 33.37
N LEU C 181 -12.13 37.96 32.37
CA LEU C 181 -11.10 37.63 31.39
C LEU C 181 -10.00 38.66 31.39
N ARG C 182 -8.76 38.22 31.35
CA ARG C 182 -7.62 39.13 31.22
C ARG C 182 -6.76 38.62 30.06
N ASP C 183 -6.00 39.53 29.47
CA ASP C 183 -5.09 39.21 28.38
C ASP C 183 -3.92 38.36 28.86
N GLY C 184 -3.74 37.20 28.23
CA GLY C 184 -2.65 36.30 28.60
C GLY C 184 -1.31 36.72 28.00
N GLU C 185 -1.34 37.61 27.03
CA GLU C 185 -0.13 38.17 26.46
C GLU C 185 0.57 37.24 25.49
N VAL C 186 -0.11 36.20 25.03
CA VAL C 186 0.46 35.28 24.06
C VAL C 186 -0.42 35.26 22.82
N LEU C 187 0.14 35.63 21.70
CA LEU C 187 -0.60 35.63 20.46
C LEU C 187 -0.35 34.34 19.68
N LEU C 188 0.86 33.83 19.78
CA LEU C 188 1.32 32.71 18.97
C LEU C 188 2.16 31.75 19.81
N PRO C 189 2.14 30.47 19.48
CA PRO C 189 2.98 29.49 20.19
C PRO C 189 4.48 29.70 19.93
N ALA C 190 5.29 29.35 20.91
CA ALA C 190 6.74 29.42 20.79
C ALA C 190 7.29 28.06 21.17
N ALA C 191 8.26 27.57 20.39
CA ALA C 191 8.90 26.30 20.65
C ALA C 191 9.41 26.22 22.07
N GLU C 192 9.80 27.37 22.59
CA GLU C 192 10.39 27.42 23.92
C GLU C 192 9.34 26.97 24.93
N ASP C 193 8.07 27.23 24.66
CA ASP C 193 6.98 26.77 25.56
C ASP C 193 6.52 25.31 25.35
N MET C 194 7.07 24.63 24.35
CA MET C 194 6.84 23.19 24.18
C MET C 194 7.75 22.39 25.09
N LEU C 195 8.87 22.99 25.50
CA LEU C 195 9.93 22.24 26.13
C LEU C 195 9.53 21.65 27.48
N PRO C 196 8.90 22.45 28.37
CA PRO C 196 8.53 21.84 29.64
C PRO C 196 7.51 20.76 29.46
N ILE C 197 6.57 20.95 28.54
CA ILE C 197 5.58 19.91 28.22
C ILE C 197 6.25 18.64 27.68
N ALA C 198 7.14 18.81 26.71
CA ALA C 198 7.86 17.71 26.11
C ALA C 198 8.77 16.99 27.08
N CYS C 199 9.43 17.74 27.95
CA CYS C 199 10.29 17.15 28.98
C CYS C 199 9.51 16.22 29.91
N GLN C 200 8.37 16.70 30.40
CA GLN C 200 7.53 15.86 31.26
C GLN C 200 7.06 14.61 30.48
N MET C 201 6.61 14.79 29.24
CA MET C 201 6.15 13.62 28.44
C MET C 201 7.24 12.57 28.22
N PHE C 202 8.45 13.04 27.91
CA PHE C 202 9.56 12.14 27.69
C PHE C 202 9.84 11.32 28.95
N ALA C 203 9.89 11.99 30.09
CA ALA C 203 10.17 11.33 31.38
C ALA C 203 9.14 10.22 31.63
N GLU C 204 7.95 10.40 31.09
CA GLU C 204 6.85 9.43 31.31
C GLU C 204 6.68 8.41 30.17
N GLY C 205 7.55 8.44 29.17
CA GLY C 205 7.44 7.48 28.08
C GLY C 205 6.34 7.79 27.07
N LYS C 206 5.85 9.03 27.08
CA LYS C 206 4.85 9.44 26.09
C LYS C 206 5.48 9.92 24.77
N THR C 207 6.27 9.09 24.12
CA THR C 207 6.83 9.38 22.81
C THR C 207 6.26 8.45 21.75
N VAL C 208 6.48 8.77 20.48
CA VAL C 208 6.11 7.86 19.39
C VAL C 208 7.22 7.79 18.40
N ALA C 209 7.35 6.64 17.75
CA ALA C 209 8.26 6.49 16.63
C ALA C 209 7.75 7.36 15.48
N VAL C 210 8.65 7.68 14.57
CA VAL C 210 8.41 8.68 13.54
C VAL C 210 7.24 8.31 12.63
N GLU C 211 7.13 7.03 12.27
CA GLU C 211 6.02 6.59 11.45
C GLU C 211 4.63 6.76 12.09
N HIS C 212 4.59 7.10 13.37
CA HIS C 212 3.29 7.30 14.07
C HIS C 212 3.03 8.75 14.46
N ALA C 213 3.95 9.64 14.14
CA ALA C 213 3.69 11.05 14.34
C ALA C 213 2.50 11.49 13.50
N GLU C 214 1.50 12.06 14.14
CA GLU C 214 0.32 12.52 13.41
C GLU C 214 0.05 14.00 13.66
N PRO C 215 -0.35 14.69 12.62
CA PRO C 215 -0.81 16.05 12.72
C PRO C 215 -2.22 16.09 13.30
N VAL C 216 -2.58 17.16 13.95
CA VAL C 216 -3.94 17.35 14.37
C VAL C 216 -4.45 18.56 13.64
N TYR C 217 -5.41 18.36 12.77
CA TYR C 217 -5.99 19.45 12.03
C TYR C 217 -7.24 20.00 12.62
N LEU C 218 -8.01 19.18 13.29
CA LEU C 218 -9.25 19.62 13.88
C LEU C 218 -10.31 19.90 12.79
N ARG C 219 -9.97 20.63 11.77
CA ARG C 219 -10.86 20.81 10.64
C ARG C 219 -10.60 19.73 9.62
N ASN C 220 -11.52 18.80 9.53
CA ASN C 220 -11.41 17.71 8.56
C ASN C 220 -12.43 17.79 7.43
N ASN C 221 -13.22 18.85 7.41
CA ASN C 221 -14.21 19.06 6.35
C ASN C 221 -13.66 19.99 5.27
N VAL C 222 -13.01 19.42 4.25
N TRP C 224 -13.95 19.45 -1.35
CA TRP C 224 -15.08 19.93 -2.14
C TRP C 224 -16.11 18.83 -2.35
N LYS C 225 -17.28 19.18 -2.85
CA LYS C 225 -18.41 18.21 -2.98
C LYS C 225 -18.08 17.00 -3.88
N LYS C 226 -18.56 15.82 -3.46
CA LYS C 226 -18.35 14.59 -4.23
C LYS C 226 -19.15 14.57 -5.54
N LEU C 227 -18.74 13.72 -6.47
CA LEU C 227 -19.56 13.46 -7.63
C LEU C 227 -20.85 12.76 -7.17
N PRO C 228 -21.96 12.95 -7.90
CA PRO C 228 -23.21 12.21 -7.66
C PRO C 228 -22.98 10.69 -7.50
N MET D 1 -14.68 -38.58 -23.59
CA MET D 1 -13.77 -37.79 -22.73
C MET D 1 -14.29 -36.36 -22.59
N ARG D 2 -14.48 -35.94 -21.35
CA ARG D 2 -14.83 -34.56 -21.07
C ARG D 2 -13.67 -33.91 -20.32
N ILE D 3 -13.24 -32.74 -20.78
CA ILE D 3 -12.23 -31.97 -20.08
C ILE D 3 -12.74 -30.54 -19.82
N LEU D 4 -12.50 -30.05 -18.61
CA LEU D 4 -12.84 -28.71 -18.23
C LEU D 4 -11.55 -27.93 -18.03
N ALA D 5 -11.45 -26.77 -18.65
CA ALA D 5 -10.24 -25.96 -18.57
C ALA D 5 -10.59 -24.61 -17.99
N ILE D 6 -9.73 -24.08 -17.11
CA ILE D 6 -9.89 -22.71 -16.65
C ILE D 6 -8.61 -21.94 -16.69
N ASP D 7 -8.70 -20.63 -16.92
CA ASP D 7 -7.53 -19.82 -16.95
C ASP D 7 -7.75 -18.41 -16.41
N THR D 8 -6.93 -18.01 -15.46
CA THR D 8 -6.99 -16.68 -14.90
C THR D 8 -5.61 -16.04 -14.77
N ALA D 9 -4.63 -16.60 -15.47
CA ALA D 9 -3.22 -16.19 -15.30
C ALA D 9 -2.89 -14.75 -15.76
N THR D 10 -3.76 -14.16 -16.56
CA THR D 10 -3.50 -12.85 -17.14
C THR D 10 -4.76 -12.02 -16.94
N GLU D 11 -4.92 -10.90 -17.65
CA GLU D 11 -6.12 -10.08 -17.48
C GLU D 11 -7.40 -10.73 -18.01
N ALA D 12 -7.26 -11.88 -18.65
CA ALA D 12 -8.43 -12.60 -19.17
C ALA D 12 -8.86 -13.69 -18.19
N CYS D 13 -10.15 -13.89 -18.02
CA CYS D 13 -10.66 -15.10 -17.41
C CYS D 13 -11.33 -15.88 -18.51
N SER D 14 -11.09 -17.19 -18.57
CA SER D 14 -11.76 -18.01 -19.56
C SER D 14 -11.99 -19.40 -19.07
N VAL D 15 -13.04 -20.03 -19.57
CA VAL D 15 -13.31 -21.43 -19.29
C VAL D 15 -13.75 -22.08 -20.58
N ALA D 16 -13.51 -23.39 -20.70
CA ALA D 16 -13.85 -24.05 -21.93
C ALA D 16 -14.10 -25.48 -21.60
N LEU D 17 -14.98 -26.11 -22.37
CA LEU D 17 -15.35 -27.47 -22.11
C LEU D 17 -15.18 -28.28 -23.38
N TRP D 18 -14.54 -29.42 -23.25
CA TRP D 18 -14.40 -30.33 -24.36
C TRP D 18 -15.25 -31.57 -24.11
N ASN D 19 -16.25 -31.78 -24.95
CA ASN D 19 -17.08 -32.98 -24.91
C ASN D 19 -16.84 -33.96 -26.07
N ASP D 20 -15.80 -34.77 -25.95
CA ASP D 20 -15.57 -35.85 -26.89
C ASP D 20 -15.44 -35.32 -28.33
N GLY D 21 -15.20 -34.02 -28.46
CA GLY D 21 -15.08 -33.41 -29.77
C GLY D 21 -15.63 -31.99 -29.85
N THR D 22 -16.84 -31.79 -29.35
CA THR D 22 -17.43 -30.46 -29.40
C THR D 22 -16.92 -29.53 -28.27
N VAL D 23 -16.55 -28.31 -28.65
CA VAL D 23 -16.05 -27.33 -27.72
C VAL D 23 -17.08 -26.26 -27.38
N ASN D 24 -17.20 -25.97 -26.10
CA ASN D 24 -18.02 -24.88 -25.62
C ASN D 24 -17.09 -23.98 -24.78
N ALA D 25 -17.11 -22.68 -25.04
CA ALA D 25 -16.07 -21.80 -24.50
C ALA D 25 -16.54 -20.39 -24.23
N HIS D 26 -16.02 -19.80 -23.17
CA HIS D 26 -16.27 -18.41 -22.88
C HIS D 26 -14.97 -17.72 -22.56
N PHE D 27 -14.89 -16.44 -22.87
CA PHE D 27 -13.67 -15.67 -22.67
C PHE D 27 -14.03 -14.24 -22.36
N GLU D 28 -13.36 -13.64 -21.39
CA GLU D 28 -13.57 -12.21 -21.17
C GLU D 28 -12.41 -11.58 -20.42
N LEU D 29 -12.23 -10.27 -20.58
CA LEU D 29 -11.24 -9.54 -19.83
C LEU D 29 -11.80 -9.29 -18.45
N CYS D 30 -11.05 -9.63 -17.40
CA CYS D 30 -11.55 -9.47 -16.02
C CYS D 30 -10.61 -8.69 -15.11
N PRO D 31 -10.04 -7.60 -15.61
CA PRO D 31 -9.10 -6.90 -14.75
C PRO D 31 -9.75 -6.54 -13.42
N ARG D 32 -9.13 -6.96 -12.31
CA ARG D 32 -9.68 -6.66 -10.96
C ARG D 32 -11.04 -7.33 -10.64
N GLU D 33 -11.41 -8.37 -11.39
CA GLU D 33 -12.67 -9.07 -11.16
C GLU D 33 -12.56 -10.60 -11.27
N HIS D 34 -11.32 -11.12 -11.37
CA HIS D 34 -11.14 -12.55 -11.57
C HIS D 34 -11.93 -13.39 -10.58
N THR D 35 -11.77 -13.08 -9.31
CA THR D 35 -12.37 -13.90 -8.26
C THR D 35 -13.89 -13.72 -8.26
N GLN D 36 -14.37 -12.68 -8.90
CA GLN D 36 -15.81 -12.45 -8.99
C GLN D 36 -16.46 -13.18 -10.18
N ARG D 37 -15.73 -13.34 -11.28
CA ARG D 37 -16.33 -13.90 -12.49
C ARG D 37 -16.07 -15.41 -12.66
N ILE D 38 -14.97 -15.91 -12.10
CA ILE D 38 -14.49 -17.25 -12.44
C ILE D 38 -15.46 -18.36 -12.15
N LEU D 39 -16.04 -18.41 -10.95
CA LEU D 39 -16.92 -19.53 -10.63
C LEU D 39 -18.32 -19.43 -11.28
N PRO D 40 -18.87 -18.21 -11.39
CA PRO D 40 -20.02 -17.99 -12.28
C PRO D 40 -19.80 -18.46 -13.70
N MET D 41 -18.64 -18.16 -14.29
CA MET D 41 -18.34 -18.69 -15.64
C MET D 41 -18.25 -20.23 -15.69
N VAL D 42 -17.73 -20.84 -14.64
CA VAL D 42 -17.65 -22.31 -14.59
C VAL D 42 -19.08 -22.85 -14.55
N GLN D 43 -19.88 -22.36 -13.60
CA GLN D 43 -21.29 -22.72 -13.49
C GLN D 43 -22.05 -22.62 -14.83
N ASP D 44 -21.96 -21.46 -15.47
CA ASP D 44 -22.63 -21.23 -16.73
C ASP D 44 -22.22 -22.20 -17.84
N ILE D 45 -20.92 -22.49 -17.96
CA ILE D 45 -20.43 -23.42 -18.97
C ILE D 45 -20.92 -24.86 -18.72
N LEU D 46 -21.00 -25.25 -17.46
CA LEU D 46 -21.56 -26.54 -17.10
C LEU D 46 -23.07 -26.60 -17.42
N THR D 47 -23.84 -25.62 -16.99
CA THR D 47 -25.29 -25.62 -17.24
C THR D 47 -25.67 -25.46 -18.72
N THR D 48 -25.06 -24.52 -19.44
CA THR D 48 -25.35 -24.37 -20.87
C THR D 48 -24.96 -25.60 -21.70
N SER D 49 -24.02 -26.40 -21.25
CA SER D 49 -23.68 -27.62 -21.98
C SER D 49 -24.35 -28.81 -21.32
N GLY D 50 -25.17 -28.54 -20.31
CA GLY D 50 -25.87 -29.59 -19.61
C GLY D 50 -24.95 -30.69 -19.12
N THR D 51 -23.84 -30.29 -18.51
CA THR D 51 -22.90 -31.25 -17.92
C THR D 51 -22.71 -30.91 -16.44
N SER D 52 -22.45 -31.92 -15.63
CA SER D 52 -22.14 -31.69 -14.22
C SER D 52 -20.65 -31.95 -13.99
N LEU D 53 -20.11 -31.28 -12.98
CA LEU D 53 -18.73 -31.43 -12.58
C LEU D 53 -18.33 -32.88 -12.39
N THR D 54 -19.27 -33.72 -12.00
CA THR D 54 -18.92 -35.15 -11.73
C THR D 54 -18.76 -35.94 -13.00
N ASP D 55 -19.15 -35.38 -14.13
CA ASP D 55 -18.98 -36.04 -15.42
C ASP D 55 -17.72 -35.60 -16.16
N ILE D 56 -16.94 -34.71 -15.56
CA ILE D 56 -15.68 -34.31 -16.14
C ILE D 56 -14.66 -35.39 -15.87
N ASN D 57 -13.75 -35.61 -16.82
CA ASN D 57 -12.71 -36.65 -16.71
C ASN D 57 -11.40 -36.08 -16.20
N ALA D 58 -11.22 -34.78 -16.36
CA ALA D 58 -9.98 -34.14 -16.00
C ALA D 58 -10.20 -32.64 -16.01
N LEU D 59 -9.42 -31.95 -15.20
CA LEU D 59 -9.54 -30.52 -15.05
C LEU D 59 -8.20 -29.92 -15.45
N ALA D 60 -8.20 -29.08 -16.49
CA ALA D 60 -7.01 -28.44 -16.98
C ALA D 60 -6.96 -27.04 -16.48
N TYR D 61 -5.82 -26.63 -15.96
CA TYR D 61 -5.68 -25.28 -15.42
C TYR D 61 -4.46 -24.60 -16.03
N GLY D 62 -4.54 -23.29 -16.18
CA GLY D 62 -3.41 -22.50 -16.63
C GLY D 62 -2.38 -22.39 -15.50
N ARG D 63 -1.24 -23.09 -15.64
CA ARG D 63 -0.31 -23.25 -14.57
C ARG D 63 0.65 -22.08 -14.39
N GLY D 64 0.61 -21.12 -15.29
CA GLY D 64 1.62 -20.06 -15.34
C GLY D 64 2.50 -20.15 -16.59
N PRO D 65 3.37 -19.17 -16.79
CA PRO D 65 3.54 -17.99 -15.95
C PRO D 65 2.49 -16.89 -16.17
N GLY D 66 2.57 -15.88 -15.35
CA GLY D 66 1.72 -14.71 -15.50
C GLY D 66 1.71 -13.92 -14.22
N SER D 67 0.63 -13.17 -13.99
CA SER D 67 0.40 -12.55 -12.70
C SER D 67 0.47 -13.60 -11.57
N PHE D 68 1.34 -13.40 -10.61
CA PHE D 68 1.42 -14.30 -9.45
C PHE D 68 0.03 -14.56 -8.86
N THR D 69 -0.69 -13.48 -8.60
CA THR D 69 -2.03 -13.56 -8.03
C THR D 69 -2.98 -14.34 -8.95
N GLY D 70 -2.95 -14.04 -10.23
CA GLY D 70 -3.81 -14.68 -11.21
C GLY D 70 -3.52 -16.16 -11.33
N VAL D 71 -2.25 -16.48 -11.33
CA VAL D 71 -1.85 -17.89 -11.43
C VAL D 71 -2.37 -18.66 -10.19
N ARG D 72 -2.34 -18.02 -9.02
CA ARG D 72 -2.79 -18.69 -7.78
C ARG D 72 -4.31 -18.80 -7.71
N ILE D 73 -5.00 -17.78 -8.19
CA ILE D 73 -6.43 -17.90 -8.35
C ILE D 73 -6.76 -19.11 -9.21
N GLY D 74 -6.12 -19.21 -10.38
CA GLY D 74 -6.37 -20.32 -11.28
C GLY D 74 -6.17 -21.69 -10.64
N ILE D 75 -5.01 -21.93 -10.03
CA ILE D 75 -4.71 -23.20 -9.39
C ILE D 75 -5.58 -23.47 -8.14
N GLY D 76 -5.85 -22.43 -7.35
CA GLY D 76 -6.75 -22.54 -6.22
C GLY D 76 -8.15 -22.95 -6.62
N ILE D 77 -8.71 -22.29 -7.62
CA ILE D 77 -10.04 -22.66 -8.11
C ILE D 77 -10.03 -24.07 -8.65
N ALA D 78 -8.99 -24.42 -9.40
CA ALA D 78 -8.90 -25.74 -10.00
C ALA D 78 -8.75 -26.83 -8.94
N GLN D 79 -7.94 -26.55 -7.93
CA GLN D 79 -7.76 -27.48 -6.85
C GLN D 79 -9.05 -27.74 -6.05
N GLY D 80 -9.78 -26.67 -5.74
CA GLY D 80 -11.03 -26.83 -5.05
C GLY D 80 -11.99 -27.70 -5.82
N LEU D 81 -12.15 -27.41 -7.12
CA LEU D 81 -13.00 -28.21 -7.99
C LEU D 81 -12.54 -29.66 -8.07
N ALA D 82 -11.24 -29.86 -8.14
CA ALA D 82 -10.71 -31.19 -8.39
C ALA D 82 -10.71 -32.02 -7.12
N LEU D 83 -10.34 -31.40 -6.01
CA LEU D 83 -10.50 -32.05 -4.72
C LEU D 83 -11.95 -32.47 -4.52
N GLY D 84 -12.86 -31.55 -4.75
CA GLY D 84 -14.28 -31.76 -4.47
C GLY D 84 -14.95 -32.81 -5.35
N ALA D 85 -14.65 -32.80 -6.64
CA ALA D 85 -15.21 -33.78 -7.58
C ALA D 85 -14.23 -34.93 -7.91
N GLU D 86 -13.11 -35.00 -7.19
CA GLU D 86 -12.16 -36.11 -7.34
C GLU D 86 -11.69 -36.22 -8.79
N LEU D 87 -11.29 -35.09 -9.34
CA LEU D 87 -10.83 -35.03 -10.73
C LEU D 87 -9.31 -35.02 -10.77
N PRO D 88 -8.71 -35.73 -11.74
CA PRO D 88 -7.27 -35.54 -12.01
C PRO D 88 -7.05 -34.17 -12.68
N MET D 89 -5.82 -33.65 -12.66
CA MET D 89 -5.57 -32.31 -13.13
C MET D 89 -4.46 -32.26 -14.17
N ILE D 90 -4.56 -31.28 -15.06
CA ILE D 90 -3.57 -31.14 -16.12
C ILE D 90 -3.15 -29.69 -16.17
N GLY D 91 -1.88 -29.44 -15.89
CA GLY D 91 -1.34 -28.09 -15.91
C GLY D 91 -0.86 -27.72 -17.32
N VAL D 92 -1.38 -26.61 -17.85
CA VAL D 92 -1.03 -26.15 -19.17
C VAL D 92 -0.34 -24.78 -19.12
N SER D 93 0.83 -24.73 -19.75
CA SER D 93 1.58 -23.52 -19.89
C SER D 93 0.80 -22.41 -20.60
N THR D 94 0.86 -21.22 -20.00
CA THR D 94 0.26 -20.04 -20.55
C THR D 94 0.89 -19.61 -21.89
N LEU D 95 2.18 -19.84 -22.01
CA LEU D 95 2.88 -19.46 -23.22
C LEU D 95 2.53 -20.44 -24.32
N MET D 96 2.44 -21.71 -23.98
CA MET D 96 2.07 -22.72 -24.95
C MET D 96 0.62 -22.57 -25.41
N THR D 97 -0.22 -22.10 -24.49
CA THR D 97 -1.63 -21.88 -24.81
C THR D 97 -1.79 -20.84 -25.90
N MET D 98 -1.04 -19.77 -25.78
CA MET D 98 -1.06 -18.71 -26.78
C MET D 98 -0.50 -19.19 -28.11
N ALA D 99 0.47 -20.10 -28.09
CA ALA D 99 0.99 -20.69 -29.32
C ALA D 99 -0.12 -21.50 -30.02
N GLN D 100 -0.83 -22.31 -29.25
CA GLN D 100 -1.96 -23.10 -29.80
C GLN D 100 -3.00 -22.19 -30.44
N GLY D 101 -3.25 -21.04 -29.82
CA GLY D 101 -4.14 -20.01 -30.35
C GLY D 101 -3.68 -19.40 -31.66
N ALA D 102 -2.39 -19.15 -31.81
CA ALA D 102 -1.87 -18.71 -33.12
C ALA D 102 -2.04 -19.82 -34.17
N TRP D 103 -1.78 -21.07 -33.81
CA TRP D 103 -2.08 -22.16 -34.71
C TRP D 103 -3.57 -22.16 -35.11
N ARG D 104 -4.46 -22.07 -34.13
CA ARG D 104 -5.87 -22.05 -34.44
C ARG D 104 -6.27 -20.89 -35.33
N LYS D 105 -5.76 -19.71 -35.07
CA LYS D 105 -6.20 -18.52 -35.77
C LYS D 105 -5.66 -18.41 -37.20
N ASN D 106 -4.41 -18.75 -37.41
CA ASN D 106 -3.77 -18.58 -38.74
C ASN D 106 -2.78 -19.65 -39.13
N GLY D 107 -2.79 -20.77 -38.44
CA GLY D 107 -1.89 -21.87 -38.77
C GLY D 107 -0.42 -21.59 -38.50
N ALA D 108 -0.11 -20.76 -37.52
CA ALA D 108 1.30 -20.55 -37.21
C ALA D 108 1.86 -21.83 -36.61
N THR D 109 3.09 -22.15 -36.95
CA THR D 109 3.70 -23.31 -36.40
C THR D 109 4.98 -22.95 -35.67
N ARG D 110 5.42 -21.69 -35.80
CA ARG D 110 6.60 -21.19 -35.05
C ARG D 110 6.26 -19.90 -34.30
N VAL D 111 6.22 -19.99 -32.98
CA VAL D 111 5.67 -18.93 -32.14
C VAL D 111 6.66 -18.41 -31.10
N LEU D 112 6.88 -17.11 -31.10
CA LEU D 112 7.66 -16.47 -30.02
C LEU D 112 6.64 -15.84 -29.07
N ALA D 113 6.39 -16.50 -27.93
CA ALA D 113 5.51 -16.02 -26.89
C ALA D 113 6.26 -15.14 -25.92
N ALA D 114 5.76 -13.93 -25.68
CA ALA D 114 6.32 -13.07 -24.67
C ALA D 114 5.18 -12.45 -23.84
N ILE D 115 5.23 -12.64 -22.53
CA ILE D 115 4.29 -12.05 -21.60
C ILE D 115 4.98 -10.95 -20.78
N ASP D 116 4.36 -9.81 -20.63
CA ASP D 116 4.95 -8.79 -19.81
C ASP D 116 4.89 -9.26 -18.39
N ALA D 117 6.06 -9.39 -17.78
CA ALA D 117 6.20 -9.91 -16.45
C ALA D 117 6.30 -8.82 -15.43
N ARG D 118 6.39 -7.60 -15.90
CA ARG D 118 6.65 -6.45 -15.10
C ARG D 118 8.10 -6.41 -14.77
N MET D 119 8.51 -5.36 -14.09
CA MET D 119 9.88 -5.20 -13.63
C MET D 119 10.85 -5.11 -14.77
N GLY D 120 10.33 -4.73 -15.92
CA GLY D 120 11.12 -4.58 -17.13
C GLY D 120 11.48 -5.90 -17.79
N GLU D 121 10.75 -6.96 -17.46
CA GLU D 121 11.08 -8.28 -17.96
C GLU D 121 9.92 -8.93 -18.66
N VAL D 122 10.20 -10.01 -19.39
CA VAL D 122 9.14 -10.79 -19.99
C VAL D 122 9.30 -12.29 -19.72
N TYR D 123 8.17 -12.98 -19.76
CA TYR D 123 8.14 -14.44 -19.80
C TYR D 123 8.23 -14.87 -21.26
N TRP D 124 9.20 -15.72 -21.57
CA TRP D 124 9.62 -15.95 -22.93
C TRP D 124 9.54 -17.39 -23.23
N ALA D 125 9.14 -17.73 -24.46
CA ALA D 125 9.19 -19.12 -24.91
C ALA D 125 9.26 -19.19 -26.44
N GLU D 126 9.88 -20.23 -26.94
CA GLU D 126 9.98 -20.47 -28.37
C GLU D 126 9.29 -21.80 -28.65
N TYR D 127 8.06 -21.75 -29.17
CA TYR D 127 7.30 -22.95 -29.45
C TYR D 127 7.17 -23.24 -30.95
N GLN D 128 7.30 -24.51 -31.31
CA GLN D 128 7.26 -24.98 -32.68
C GLN D 128 6.46 -26.27 -32.72
N ARG D 129 5.44 -26.27 -33.55
CA ARG D 129 4.55 -27.36 -33.70
C ARG D 129 5.15 -28.37 -34.66
N ASP D 130 5.15 -29.64 -34.29
CA ASP D 130 5.66 -30.67 -35.18
C ASP D 130 4.51 -31.25 -36.05
N GLU D 131 4.84 -32.13 -36.99
CA GLU D 131 3.85 -32.66 -37.93
C GLU D 131 2.71 -33.39 -37.25
N ASN D 132 2.95 -33.89 -36.05
CA ASN D 132 1.91 -34.58 -35.30
C ASN D 132 1.12 -33.69 -34.38
N GLY D 133 1.33 -32.38 -34.48
CA GLY D 133 0.62 -31.45 -33.67
C GLY D 133 1.18 -31.22 -32.27
N ILE D 134 2.36 -31.77 -32.00
CA ILE D 134 2.98 -31.58 -30.71
C ILE D 134 3.84 -30.31 -30.68
N TRP D 135 3.66 -29.51 -29.63
CA TRP D 135 4.43 -28.29 -29.43
C TRP D 135 5.75 -28.60 -28.71
N HIS D 136 6.86 -28.18 -29.30
CA HIS D 136 8.18 -28.31 -28.71
C HIS D 136 8.64 -26.96 -28.26
N GLY D 137 9.37 -26.92 -27.13
CA GLY D 137 9.92 -25.64 -26.67
C GLY D 137 9.71 -25.37 -25.18
N GLU D 138 9.12 -26.32 -24.49
CA GLU D 138 8.83 -26.15 -23.10
C GLU D 138 10.08 -25.80 -22.30
N GLU D 139 11.18 -26.40 -22.68
CA GLU D 139 12.45 -26.15 -22.05
C GLU D 139 12.96 -24.72 -22.26
N THR D 140 12.50 -24.00 -23.29
CA THR D 140 12.88 -22.59 -23.47
C THR D 140 12.18 -21.59 -22.58
N GLU D 141 11.16 -21.97 -21.80
CA GLU D 141 10.44 -21.03 -20.96
C GLU D 141 11.36 -20.35 -19.98
N ALA D 142 11.28 -19.03 -19.86
CA ALA D 142 12.14 -18.27 -18.94
C ALA D 142 11.66 -16.84 -18.78
N VAL D 143 12.12 -16.19 -17.72
CA VAL D 143 11.86 -14.77 -17.50
C VAL D 143 13.17 -14.02 -17.80
N LEU D 144 13.11 -12.96 -18.60
CA LEU D 144 14.33 -12.41 -19.22
C LEU D 144 14.22 -10.90 -19.42
N LYS D 145 15.35 -10.21 -19.32
CA LYS D 145 15.37 -8.80 -19.70
C LYS D 145 15.29 -8.70 -21.22
N PRO D 146 14.71 -7.61 -21.75
CA PRO D 146 14.63 -7.40 -23.20
C PRO D 146 15.96 -7.48 -23.96
N GLU D 147 17.05 -7.05 -23.38
CA GLU D 147 18.34 -7.16 -24.08
C GLU D 147 18.73 -8.63 -24.23
N ILE D 148 18.39 -9.45 -23.24
CA ILE D 148 18.72 -10.88 -23.31
C ILE D 148 17.83 -11.58 -24.35
N VAL D 149 16.56 -11.18 -24.44
CA VAL D 149 15.67 -11.69 -25.47
C VAL D 149 16.25 -11.36 -26.84
N HIS D 150 16.75 -10.14 -26.98
CA HIS D 150 17.38 -9.69 -28.21
C HIS D 150 18.50 -10.66 -28.63
N GLU D 151 19.44 -10.87 -27.73
CA GLU D 151 20.54 -11.80 -28.02
C GLU D 151 20.08 -13.21 -28.39
N ARG D 152 19.10 -13.72 -27.67
CA ARG D 152 18.53 -15.03 -27.99
C ARG D 152 17.90 -15.06 -29.38
N MET D 153 17.23 -14.00 -29.77
CA MET D 153 16.57 -13.97 -31.07
C MET D 153 17.61 -13.99 -32.21
N GLN D 154 18.81 -13.47 -31.94
CA GLN D 154 19.87 -13.47 -32.94
C GLN D 154 20.47 -14.86 -33.13
N GLN D 155 20.15 -15.78 -32.22
CA GLN D 155 20.53 -17.17 -32.39
C GLN D 155 19.42 -17.98 -33.09
N LEU D 156 18.28 -17.37 -33.36
CA LEU D 156 17.21 -18.06 -34.06
C LEU D 156 17.29 -17.71 -35.54
N SER D 157 16.52 -18.39 -36.36
CA SER D 157 16.49 -18.16 -37.77
C SER D 157 15.09 -18.24 -38.30
N GLY D 158 14.90 -17.65 -39.47
CA GLY D 158 13.69 -17.83 -40.19
C GLY D 158 12.54 -17.00 -39.72
N GLU D 159 11.35 -17.58 -39.88
CA GLU D 159 10.12 -16.83 -39.77
C GLU D 159 9.38 -17.27 -38.53
N TRP D 160 8.90 -16.30 -37.74
CA TRP D 160 8.16 -16.62 -36.53
C TRP D 160 6.94 -15.73 -36.39
N VAL D 161 5.99 -16.16 -35.57
CA VAL D 161 4.80 -15.37 -35.24
C VAL D 161 4.90 -14.93 -33.76
N THR D 162 4.40 -13.75 -33.44
CA THR D 162 4.54 -13.18 -32.12
C THR D 162 3.22 -13.19 -31.36
N VAL D 163 3.23 -13.66 -30.11
CA VAL D 163 2.04 -13.60 -29.28
C VAL D 163 2.41 -13.14 -27.87
N GLY D 164 1.45 -12.49 -27.20
CA GLY D 164 1.58 -12.11 -25.78
C GLY D 164 1.72 -10.63 -25.56
N THR D 165 1.51 -10.20 -24.31
CA THR D 165 1.52 -8.77 -23.97
C THR D 165 2.93 -8.22 -23.96
N GLY D 166 3.92 -9.10 -23.88
CA GLY D 166 5.29 -8.66 -23.92
C GLY D 166 5.65 -7.90 -25.19
N TRP D 167 5.02 -8.26 -26.31
CA TRP D 167 5.26 -7.56 -27.58
C TRP D 167 4.53 -6.23 -27.60
N GLN D 168 3.50 -6.15 -26.78
CA GLN D 168 2.69 -4.97 -26.72
C GLN D 168 3.39 -3.92 -25.87
N ALA D 169 3.99 -4.36 -24.77
CA ALA D 169 4.80 -3.47 -23.92
C ALA D 169 6.13 -3.07 -24.56
N TRP D 170 6.71 -3.98 -25.37
CA TRP D 170 7.99 -3.76 -26.05
C TRP D 170 7.89 -4.03 -27.54
N PRO D 171 7.25 -3.13 -28.28
CA PRO D 171 6.99 -3.38 -29.70
C PRO D 171 8.24 -3.44 -30.55
N ASP D 172 9.35 -3.01 -30.00
CA ASP D 172 10.63 -3.09 -30.74
C ASP D 172 11.48 -4.25 -30.24
N LEU D 173 10.89 -5.12 -29.44
CA LEU D 173 11.60 -6.28 -28.91
C LEU D 173 12.38 -7.07 -29.98
N GLY D 174 11.81 -7.14 -31.17
CA GLY D 174 12.39 -7.91 -32.24
C GLY D 174 13.20 -7.11 -33.23
N LYS D 175 13.49 -5.86 -32.87
CA LYS D 175 14.33 -4.99 -33.69
C LYS D 175 15.76 -5.54 -33.85
N GLU D 176 16.27 -5.48 -35.09
CA GLU D 176 17.63 -5.95 -35.42
C GLU D 176 17.87 -7.43 -35.05
N SER D 177 16.80 -8.23 -35.09
CA SER D 177 16.84 -9.61 -34.63
C SER D 177 17.34 -10.56 -35.71
N GLY D 178 17.18 -10.18 -36.96
CA GLY D 178 17.48 -11.03 -38.08
C GLY D 178 16.34 -11.94 -38.51
N LEU D 179 15.22 -11.92 -37.79
CA LEU D 179 14.10 -12.80 -38.09
C LEU D 179 13.02 -12.09 -38.87
N VAL D 180 12.20 -12.85 -39.58
CA VAL D 180 11.00 -12.27 -40.13
C VAL D 180 9.91 -12.55 -39.09
N LEU D 181 9.31 -11.46 -38.57
CA LEU D 181 8.33 -11.54 -37.50
C LEU D 181 6.97 -11.11 -37.98
N ARG D 182 5.96 -11.93 -37.73
CA ARG D 182 4.60 -11.56 -38.06
C ARG D 182 3.74 -11.64 -36.81
N ASP D 183 2.77 -10.73 -36.73
CA ASP D 183 1.86 -10.68 -35.60
C ASP D 183 1.00 -11.94 -35.57
N GLY D 184 0.98 -12.63 -34.43
CA GLY D 184 0.22 -13.87 -34.28
C GLY D 184 -1.24 -13.68 -33.93
N GLU D 185 -1.63 -12.46 -33.57
CA GLU D 185 -3.02 -12.15 -33.33
C GLU D 185 -3.53 -12.74 -32.01
N VAL D 186 -2.63 -12.93 -31.06
CA VAL D 186 -3.00 -13.49 -29.76
C VAL D 186 -2.28 -12.68 -28.70
N LEU D 187 -3.05 -11.97 -27.89
CA LEU D 187 -2.50 -11.16 -26.84
C LEU D 187 -2.53 -11.93 -25.51
N LEU D 188 -3.50 -12.79 -25.35
CA LEU D 188 -3.79 -13.42 -24.06
C LEU D 188 -4.21 -14.88 -24.23
N PRO D 189 -3.86 -15.74 -23.26
CA PRO D 189 -4.29 -17.14 -23.32
C PRO D 189 -5.81 -17.29 -23.26
N ALA D 190 -6.31 -18.37 -23.86
CA ALA D 190 -7.73 -18.68 -23.90
C ALA D 190 -7.90 -20.14 -23.55
N ALA D 191 -8.84 -20.43 -22.67
CA ALA D 191 -9.06 -21.81 -22.20
C ALA D 191 -9.42 -22.74 -23.37
N GLU D 192 -10.10 -22.20 -24.36
CA GLU D 192 -10.37 -22.97 -25.57
C GLU D 192 -9.09 -23.59 -26.12
N ASP D 193 -8.00 -22.85 -26.08
CA ASP D 193 -6.73 -23.33 -26.64
C ASP D 193 -5.95 -24.26 -25.75
N MET D 194 -6.36 -24.40 -24.49
CA MET D 194 -5.82 -25.40 -23.60
C MET D 194 -6.36 -26.78 -23.88
N LEU D 195 -7.58 -26.85 -24.41
CA LEU D 195 -8.25 -28.13 -24.54
C LEU D 195 -7.50 -29.12 -25.42
N PRO D 196 -7.02 -28.68 -26.60
CA PRO D 196 -6.32 -29.68 -27.44
C PRO D 196 -5.04 -30.12 -26.78
N ILE D 197 -4.35 -29.20 -26.12
CA ILE D 197 -3.13 -29.55 -25.39
C ILE D 197 -3.47 -30.51 -24.26
N ALA D 198 -4.50 -30.17 -23.51
CA ALA D 198 -4.98 -31.02 -22.39
C ALA D 198 -5.44 -32.38 -22.88
N CYS D 199 -6.10 -32.42 -24.03
CA CYS D 199 -6.52 -33.70 -24.61
C CYS D 199 -5.33 -34.63 -24.90
N GLN D 200 -4.30 -34.08 -25.53
CA GLN D 200 -3.10 -34.87 -25.80
C GLN D 200 -2.37 -35.33 -24.51
N MET D 201 -2.34 -34.47 -23.50
CA MET D 201 -1.69 -34.81 -22.22
C MET D 201 -2.44 -35.90 -21.49
N PHE D 202 -3.75 -35.87 -21.56
CA PHE D 202 -4.59 -36.90 -20.97
C PHE D 202 -4.36 -38.25 -21.65
N ALA D 203 -4.24 -38.23 -22.98
CA ALA D 203 -3.96 -39.46 -23.74
C ALA D 203 -2.64 -40.06 -23.31
N GLU D 204 -1.67 -39.22 -23.01
CA GLU D 204 -0.33 -39.67 -22.60
C GLU D 204 -0.25 -40.07 -21.13
N GLY D 205 -1.35 -40.00 -20.40
CA GLY D 205 -1.32 -40.36 -18.98
C GLY D 205 -0.65 -39.29 -18.14
N LYS D 206 -0.45 -38.13 -18.75
CA LYS D 206 0.29 -37.06 -18.13
C LYS D 206 -0.68 -36.13 -17.36
N THR D 207 -1.35 -36.68 -16.36
CA THR D 207 -2.20 -35.94 -15.43
C THR D 207 -1.68 -36.17 -13.99
N VAL D 208 -2.20 -35.41 -13.02
CA VAL D 208 -1.80 -35.60 -11.63
C VAL D 208 -2.97 -35.47 -10.67
N ALA D 209 -2.83 -36.10 -9.51
CA ALA D 209 -3.78 -35.89 -8.42
C ALA D 209 -3.67 -34.42 -7.97
N VAL D 210 -4.72 -33.94 -7.36
CA VAL D 210 -4.87 -32.55 -6.99
C VAL D 210 -3.72 -32.06 -6.12
N GLU D 211 -3.24 -32.88 -5.20
CA GLU D 211 -2.14 -32.48 -4.31
C GLU D 211 -0.77 -32.35 -5.01
N HIS D 212 -0.71 -32.67 -6.29
CA HIS D 212 0.56 -32.53 -7.01
C HIS D 212 0.50 -31.44 -8.04
N ALA D 213 -0.66 -30.82 -8.17
CA ALA D 213 -0.79 -29.69 -9.11
C ALA D 213 0.18 -28.59 -8.71
N GLU D 214 0.94 -28.08 -9.67
CA GLU D 214 1.96 -27.06 -9.38
C GLU D 214 1.83 -25.83 -10.27
N PRO D 215 1.99 -24.65 -9.69
CA PRO D 215 2.11 -23.40 -10.44
C PRO D 215 3.49 -23.29 -11.05
N VAL D 216 3.64 -22.58 -12.14
CA VAL D 216 4.95 -22.27 -12.64
C VAL D 216 5.06 -20.79 -12.61
N TYR D 217 5.99 -20.29 -11.84
CA TYR D 217 6.13 -18.87 -11.64
C TYR D 217 7.20 -18.22 -12.52
N LEU D 218 8.28 -18.94 -12.73
CA LEU D 218 9.42 -18.43 -13.48
C LEU D 218 10.26 -17.37 -12.74
N ARG D 219 9.66 -16.28 -12.30
CA ARG D 219 10.35 -15.36 -11.44
C ARG D 219 10.21 -15.85 -10.01
N ASN D 220 11.33 -16.17 -9.40
CA ASN D 220 11.35 -16.81 -8.11
C ASN D 220 12.08 -15.96 -7.11
N ASN D 221 12.91 -15.05 -7.61
CA ASN D 221 13.55 -14.05 -6.78
C ASN D 221 12.54 -12.97 -6.43
N VAL D 222 11.83 -13.16 -5.32
CA VAL D 222 10.62 -12.35 -5.01
C VAL D 222 10.61 -11.86 -3.57
N ALA D 223 11.77 -11.92 -2.92
CA ALA D 223 11.89 -11.55 -1.53
C ALA D 223 12.81 -10.34 -1.36
N TRP D 224 12.48 -9.50 -0.38
CA TRP D 224 13.39 -8.45 0.03
C TRP D 224 14.59 -9.11 0.69
N LYS D 225 15.67 -8.37 0.89
CA LYS D 225 16.90 -8.96 1.41
C LYS D 225 16.71 -9.69 2.76
N LYS D 226 17.42 -10.80 2.94
CA LYS D 226 17.49 -11.46 4.23
C LYS D 226 18.23 -10.59 5.24
N LEU D 227 18.10 -10.91 6.51
CA LEU D 227 18.85 -10.19 7.53
C LEU D 227 20.32 -10.66 7.44
N PRO D 228 21.24 -9.87 8.02
CA PRO D 228 22.66 -10.24 8.11
C PRO D 228 22.87 -11.65 8.68
MG MG E . 0.10 -15.60 11.94
FE FE F . -4.29 -13.86 13.93
PG ATP G . -3.26 -10.44 13.48
O1G ATP G . -4.21 -9.50 14.26
O2G ATP G . -3.60 -10.52 12.00
O3G ATP G . -1.87 -9.95 13.76
PB ATP G . -1.73 -12.79 13.96
O1B ATP G . -0.68 -12.05 13.24
O2B ATP G . -2.03 -14.17 13.38
O3B ATP G . -3.17 -11.95 13.99
PA ATP G . -1.59 -14.09 16.44
O1A ATP G . -2.99 -14.05 17.10
O2A ATP G . -1.21 -15.39 15.78
O3A ATP G . -1.27 -12.82 15.54
O5' ATP G . -0.45 -13.95 17.56
C5' ATP G . 0.82 -13.52 17.14
C4' ATP G . 1.45 -12.61 18.19
O4' ATP G . 1.24 -13.14 19.53
C3' ATP G . 2.96 -12.40 17.96
O3' ATP G . 3.34 -11.00 17.94
C2' ATP G . 3.53 -13.24 19.09
O2' ATP G . 4.87 -12.93 19.50
C1' ATP G . 2.46 -12.99 20.17
N9 ATP G . 2.63 -13.99 21.20
C8 ATP G . 2.48 -15.33 21.06
N7 ATP G . 2.80 -15.89 22.23
C5 ATP G . 3.17 -14.95 23.07
C6 ATP G . 3.62 -14.93 24.43
N6 ATP G . 3.72 -16.13 25.09
N1 ATP G . 3.88 -13.72 25.01
C2 ATP G . 3.77 -12.53 24.32
N3 ATP G . 3.37 -12.49 23.03
C4 ATP G . 3.07 -13.65 22.41
C ACT H . -29.06 -12.43 -0.53
O ACT H . -28.37 -13.43 -0.18
OXT ACT H . -29.48 -12.31 -1.70
CH3 ACT H . -29.39 -11.35 0.48
C ACT I . -25.09 -8.88 12.63
O ACT I . -25.72 -7.94 13.18
OXT ACT I . -24.00 -8.69 12.03
CH3 ACT I . -25.68 -10.29 12.70
C ACT J . -22.59 -23.26 -3.33
O ACT J . -21.48 -23.56 -2.79
OXT ACT J . -22.81 -23.62 -4.51
CH3 ACT J . -23.68 -22.48 -2.60
C ACT K . -31.73 -20.40 25.89
O ACT K . -31.60 -19.36 25.20
OXT ACT K . -31.95 -21.54 25.39
CH3 ACT K . -31.62 -20.27 27.38
MG MG L . 0.27 12.09 -10.86
FE FE M . 4.02 13.27 -13.75
PG ATP N . 2.08 15.99 -15.07
O1G ATP N . 2.35 16.95 -13.94
O2G ATP N . 0.60 15.97 -15.49
O3G ATP N . 2.93 16.37 -16.23
PB ATP N . 1.32 13.45 -14.07
O1B ATP N . 1.88 12.68 -12.88
O2B ATP N . 0.05 14.19 -13.77
O3B ATP N . 2.46 14.49 -14.64
PA ATP N . 1.57 11.01 -15.52
O1A ATP N . 1.48 10.25 -14.20
O2A ATP N . 2.92 11.14 -16.20
O3A ATP N . 0.87 12.45 -15.30
O5' ATP N . 0.50 10.27 -16.48
C5' ATP N . -0.88 10.40 -16.13
C4' ATP N . -1.70 10.50 -17.40
O4' ATP N . -1.39 9.44 -18.33
C3' ATP N . -3.23 10.47 -17.18
O3' ATP N . -3.90 11.54 -17.93
C2' ATP N . -3.56 9.03 -17.60
O2' ATP N . -4.90 8.74 -17.94
C1' ATP N . -2.61 8.87 -18.76
N9 ATP N . -2.38 7.49 -19.09
C8 ATP N . -1.84 6.55 -18.28
N7 ATP N . -1.80 5.39 -18.94
C5 ATP N . -2.29 5.59 -20.16
C6 ATP N . -2.52 4.76 -21.32
N6 ATP N . -2.15 3.43 -21.24
N1 ATP N . -3.04 5.31 -22.45
C2 ATP N . -3.41 6.62 -22.50
N3 ATP N . -3.22 7.44 -21.45
C4 ATP N . -2.68 6.99 -20.28
C ACT O . -4.10 2.51 2.88
O ACT O . -3.21 2.32 3.74
OXT ACT O . -4.20 1.77 1.89
CH3 ACT O . -5.11 3.61 3.00
C ACT P . 6.22 28.62 3.25
O ACT P . 7.41 28.89 3.53
OXT ACT P . 5.95 27.92 2.22
CH3 ACT P . 5.11 29.13 4.14
C1 GOL Q . -2.10 29.47 5.52
O1 GOL Q . -2.32 30.48 6.50
C2 GOL Q . -3.21 28.47 5.74
O2 GOL Q . -4.35 29.24 6.08
C3 GOL Q . -3.45 27.59 4.51
O3 GOL Q . -2.78 26.34 4.67
C ACT R . -8.61 -9.88 -9.13
O ACT R . -7.58 -9.94 -8.46
OXT ACT R . -8.56 -9.49 -10.30
CH3 ACT R . -9.93 -10.30 -8.50
C ACT S . 0.02 -8.58 -10.86
O ACT S . 0.04 -9.28 -9.76
OXT ACT S . 0.98 -8.48 -11.67
CH3 ACT S . -1.15 -7.83 -11.36
#